data_6A5A
#
_entry.id   6A5A
#
_cell.length_a   61.337
_cell.length_b   77.546
_cell.length_c   99.288
_cell.angle_alpha   90.000
_cell.angle_beta   100.520
_cell.angle_gamma   90.000
#
_symmetry.space_group_name_H-M   'P 1 21 1'
#
_entity_poly.entity_id   1
_entity_poly.type   'polypeptide(L)'
_entity_poly.pdbx_seq_one_letter_code
;GQDLALSCGTSEASADQDKKKWEPDTKFLKTGNSIHATATYQDPSLLSTVPYMTARIFTAPATYEIPIKGDKRHLLRLYF
YPSTYTGLNISNSYFTVEANDVTLLSNFSAAITCQALTQAYLVKEYSLAPTDKDVLSIKFTPSDKYRDAFAFINGIEVIQ
MPELFDTAALVGFTDQTMDAKTANLQSMFRLNVGGQDIPGSQDSGGLTRTWYNDAPYIFSAGLGVTLQASNNFRINYQNM
PVSIAPADIYKTARSQGPNGDINLKSNLTWMFQIDKNFTYILRLHFCEFQLSKINQKVFNIYINNRTAQADTTPADIIGW
TGEKGIPMYKDYAIYVDANNGGEEITLQMTPSTFGQPEYYDSSLNGLEIFKMDTMKNLAGPNPEP
;
_entity_poly.pdbx_strand_id   B,A
#
# COMPACT_ATOMS: atom_id res chain seq x y z
N GLY A 1 19.14 -12.87 20.19
CA GLY A 1 19.50 -11.72 19.37
C GLY A 1 18.46 -11.33 18.33
N GLN A 2 17.57 -10.42 18.71
CA GLN A 2 16.55 -9.90 17.81
C GLN A 2 16.89 -8.46 17.40
N ASP A 3 16.31 -8.04 16.28
CA ASP A 3 16.50 -6.71 15.69
C ASP A 3 15.64 -5.63 16.29
N LEU A 4 15.87 -4.38 15.96
CA LEU A 4 15.12 -3.29 16.56
C LEU A 4 14.39 -2.38 15.68
N ALA A 5 13.18 -2.02 16.05
CA ALA A 5 12.43 -1.01 15.33
C ALA A 5 11.91 -0.08 16.40
N LEU A 6 12.49 1.10 16.49
CA LEU A 6 12.15 2.12 17.47
C LEU A 6 11.27 3.18 16.82
N SER A 7 10.04 3.33 17.33
CA SER A 7 9.17 4.36 16.78
C SER A 7 9.31 5.66 17.52
N CYS A 8 10.51 5.93 18.02
CA CYS A 8 10.98 7.21 18.51
C CYS A 8 9.94 7.81 19.44
N GLY A 9 9.59 9.09 19.31
CA GLY A 9 8.79 9.80 20.32
C GLY A 9 7.47 9.22 20.78
N THR A 10 7.42 7.92 21.05
CA THR A 10 6.21 7.24 21.49
C THR A 10 6.48 6.58 22.83
N SER A 11 5.40 6.28 23.55
CA SER A 11 5.47 5.73 24.89
C SER A 11 5.08 4.26 24.99
N GLU A 12 4.67 3.62 23.90
CA GLU A 12 4.17 2.26 23.90
C GLU A 12 4.29 1.71 22.48
N ALA A 13 4.18 0.39 22.35
CA ALA A 13 4.31 -0.27 21.05
C ALA A 13 3.20 0.14 20.08
N SER A 14 3.53 0.09 18.79
CA SER A 14 2.65 0.41 17.68
C SER A 14 2.87 -0.62 16.57
N ALA A 15 2.01 -0.59 15.56
CA ALA A 15 2.18 -1.41 14.36
C ALA A 15 1.94 -0.57 13.12
N ASP A 16 2.75 -0.78 12.08
CA ASP A 16 2.60 0.01 10.86
C ASP A 16 1.63 -0.66 9.88
N GLN A 17 1.43 -0.02 8.73
CA GLN A 17 0.53 -0.56 7.70
C GLN A 17 0.80 -2.03 7.39
N ASP A 18 2.06 -2.46 7.43
CA ASP A 18 2.43 -3.86 7.26
C ASP A 18 2.27 -4.64 8.56
N LYS A 19 1.63 -4.02 9.57
CA LYS A 19 1.59 -4.45 10.97
C LYS A 19 2.93 -5.05 11.42
N LYS A 20 3.99 -4.30 11.12
CA LYS A 20 5.33 -4.46 11.67
C LYS A 20 5.36 -3.75 13.02
N LYS A 21 5.87 -4.44 14.05
CA LYS A 21 5.81 -3.91 15.40
C LYS A 21 6.94 -2.93 15.64
N TRP A 22 6.59 -1.79 16.17
CA TRP A 22 7.55 -0.81 16.58
C TRP A 22 7.50 -0.68 18.07
N GLU A 23 8.57 -0.21 18.65
CA GLU A 23 8.64 0.04 20.08
C GLU A 23 9.19 1.41 20.36
N PRO A 24 9.02 1.88 21.56
CA PRO A 24 9.51 3.18 21.92
C PRO A 24 11.02 3.23 22.00
N ASP A 25 11.53 4.44 21.82
CA ASP A 25 12.95 4.74 21.79
C ASP A 25 13.50 5.12 23.11
N THR A 26 12.67 5.06 24.11
CA THR A 26 13.08 5.52 25.41
C THR A 26 14.18 4.76 26.13
N LYS A 27 14.22 3.45 26.02
CA LYS A 27 15.22 2.65 26.66
C LYS A 27 16.63 2.95 26.24
N PHE A 28 16.79 3.25 24.96
CA PHE A 28 18.05 3.47 24.31
C PHE A 28 18.64 4.83 24.31
N LEU A 29 17.95 5.80 24.84
CA LEU A 29 18.48 7.14 24.89
C LEU A 29 19.45 7.24 26.01
N LYS A 30 20.65 7.68 25.70
CA LYS A 30 21.69 7.80 26.67
C LYS A 30 21.61 9.08 27.39
N SER A 34 14.38 14.28 27.30
CA SER A 34 14.06 14.76 25.96
C SER A 34 12.60 14.98 25.75
N ILE A 35 12.36 15.75 24.71
CA ILE A 35 11.07 16.17 24.26
C ILE A 35 10.42 15.26 23.20
N HIS A 36 9.15 14.93 23.37
CA HIS A 36 8.42 14.19 22.39
C HIS A 36 7.37 15.05 21.82
N ALA A 37 7.18 14.98 20.52
CA ALA A 37 6.20 15.81 19.86
C ALA A 37 5.36 15.03 18.88
N THR A 38 4.16 15.49 18.65
CA THR A 38 3.28 14.84 17.68
C THR A 38 2.96 15.82 16.58
N ALA A 39 3.09 15.36 15.33
CA ALA A 39 2.95 16.27 14.21
C ALA A 39 1.49 16.72 14.08
N THR A 40 1.33 18.03 13.94
CA THR A 40 0.04 18.65 13.70
C THR A 40 -0.76 18.02 12.56
N TYR A 41 -0.09 17.54 11.51
CA TYR A 41 -0.75 17.31 10.22
C TYR A 41 -0.35 15.96 9.62
N GLN A 42 -1.35 15.18 9.16
CA GLN A 42 -1.10 13.87 8.58
C GLN A 42 -1.21 13.97 7.06
N ASP A 43 -0.11 13.88 6.40
CA ASP A 43 -0.14 14.07 4.97
C ASP A 43 -0.68 12.83 4.28
N PRO A 44 -1.43 12.99 3.18
CA PRO A 44 -2.06 11.82 2.55
C PRO A 44 -1.07 10.84 1.93
N SER A 45 0.18 11.23 1.71
CA SER A 45 1.16 10.32 1.14
C SER A 45 1.72 9.33 2.14
N LEU A 46 1.49 9.53 3.44
CA LEU A 46 2.00 8.58 4.43
C LEU A 46 1.39 7.20 4.20
N LEU A 47 2.21 6.16 4.25
CA LEU A 47 1.64 4.83 4.23
C LEU A 47 1.12 4.40 5.58
N SER A 48 1.54 5.12 6.61
CA SER A 48 1.09 4.90 7.98
C SER A 48 1.42 6.03 8.92
N THR A 49 0.78 5.96 10.07
CA THR A 49 0.95 6.81 11.26
C THR A 49 2.30 6.53 11.93
N VAL A 50 2.73 5.28 11.89
CA VAL A 50 3.93 4.75 12.47
C VAL A 50 5.04 4.55 11.47
N PRO A 51 6.19 5.15 11.69
CA PRO A 51 6.54 5.87 12.91
C PRO A 51 6.59 7.36 12.73
N TYR A 52 6.13 7.85 11.61
CA TYR A 52 6.19 9.22 11.22
C TYR A 52 5.48 10.32 11.97
N MET A 53 4.37 10.01 12.57
CA MET A 53 3.57 11.00 13.23
C MET A 53 4.06 11.55 14.51
N THR A 54 4.97 10.83 15.14
CA THR A 54 5.61 11.16 16.41
C THR A 54 7.13 11.33 16.32
N ALA A 55 7.68 12.34 16.97
CA ALA A 55 9.11 12.60 16.98
C ALA A 55 9.81 12.92 18.29
N ARG A 56 11.09 12.66 18.36
CA ARG A 56 11.90 13.15 19.45
C ARG A 56 12.59 14.41 18.95
N ILE A 57 12.61 15.43 19.79
CA ILE A 57 13.14 16.75 19.43
C ILE A 57 14.39 16.99 20.28
N PHE A 58 15.51 17.27 19.60
CA PHE A 58 16.80 17.56 20.24
C PHE A 58 17.18 19.02 20.01
N THR A 59 17.37 19.76 21.09
CA THR A 59 17.88 21.13 21.00
C THR A 59 19.36 21.22 21.36
N ALA A 60 19.92 20.15 21.90
CA ALA A 60 21.32 19.97 22.22
C ALA A 60 21.74 18.65 21.61
N PRO A 61 23.02 18.31 21.66
CA PRO A 61 23.40 16.95 21.25
C PRO A 61 22.74 15.88 22.11
N ALA A 62 22.45 14.75 21.48
CA ALA A 62 21.82 13.61 22.14
C ALA A 62 22.29 12.32 21.50
N THR A 63 22.35 11.27 22.30
CA THR A 63 22.93 10.01 21.88
C THR A 63 21.99 8.85 22.17
N TYR A 64 21.73 8.03 21.15
CA TYR A 64 21.13 6.71 21.32
C TYR A 64 22.25 5.67 21.37
N GLU A 65 22.10 4.68 22.25
CA GLU A 65 23.06 3.58 22.26
C GLU A 65 22.34 2.25 22.24
N ILE A 66 22.55 1.51 21.15
CA ILE A 66 21.89 0.24 20.90
C ILE A 66 22.91 -0.87 21.12
N PRO A 67 22.55 -1.93 21.81
CA PRO A 67 23.46 -3.04 21.95
C PRO A 67 23.45 -3.90 20.69
N ILE A 68 24.61 -4.11 20.15
CA ILE A 68 24.79 -4.88 18.94
C ILE A 68 25.98 -5.80 19.03
N LYS A 69 26.12 -6.70 18.08
CA LYS A 69 27.28 -7.51 18.00
C LYS A 69 28.14 -6.76 17.04
N GLY A 70 29.23 -6.16 17.49
CA GLY A 70 30.12 -5.41 16.61
C GLY A 70 30.97 -6.26 15.67
N ASP A 71 30.89 -7.57 15.80
CA ASP A 71 31.44 -8.52 14.86
C ASP A 71 30.77 -8.38 13.49
N LYS A 72 29.56 -7.86 13.44
CA LYS A 72 28.69 -8.07 12.31
C LYS A 72 28.28 -6.76 11.68
N ARG A 73 27.95 -6.81 10.39
CA ARG A 73 27.47 -5.64 9.68
C ARG A 73 25.98 -5.43 9.93
N HIS A 74 25.57 -4.15 9.92
CA HIS A 74 24.23 -3.73 10.32
C HIS A 74 23.61 -2.79 9.31
N LEU A 75 22.31 -2.97 9.11
CA LEU A 75 21.51 -2.06 8.29
C LEU A 75 20.83 -1.09 9.24
N LEU A 76 20.94 0.21 8.94
CA LEU A 76 20.44 1.26 9.81
C LEU A 76 19.54 2.17 8.99
N ARG A 77 18.32 2.41 9.47
CA ARG A 77 17.41 3.32 8.79
C ARG A 77 17.01 4.45 9.72
N LEU A 78 17.00 5.66 9.18
CA LEU A 78 16.51 6.83 9.90
C LEU A 78 15.30 7.35 9.13
N TYR A 79 14.17 7.48 9.82
CA TYR A 79 12.90 7.87 9.21
C TYR A 79 12.60 9.29 9.62
N PHE A 80 12.50 10.21 8.66
CA PHE A 80 12.25 11.62 8.97
C PHE A 80 10.95 12.09 8.34
N TYR A 81 10.13 12.79 9.13
CA TYR A 81 8.85 13.34 8.68
C TYR A 81 8.84 14.84 8.92
N PRO A 82 9.34 15.63 7.99
CA PRO A 82 9.34 17.09 8.19
C PRO A 82 7.95 17.69 8.02
N SER A 83 7.26 17.96 9.12
CA SER A 83 5.89 18.46 9.09
C SER A 83 5.78 19.55 10.15
N THR A 84 4.56 20.01 10.39
CA THR A 84 4.34 21.05 11.38
C THR A 84 4.19 20.43 12.76
N TYR A 85 5.03 20.89 13.69
CA TYR A 85 4.97 20.52 15.10
C TYR A 85 4.72 21.80 15.88
N THR A 86 3.83 21.73 16.86
CA THR A 86 3.58 22.83 17.78
C THR A 86 4.86 23.45 18.34
N GLY A 87 4.96 24.78 18.25
CA GLY A 87 6.07 25.56 18.76
C GLY A 87 7.42 25.38 18.10
N LEU A 88 7.46 24.64 16.98
CA LEU A 88 8.67 24.48 16.19
C LEU A 88 8.43 24.97 14.78
N ASN A 89 9.43 25.64 14.21
CA ASN A 89 9.46 25.96 12.79
C ASN A 89 10.42 24.97 12.17
N ILE A 90 9.88 24.01 11.41
CA ILE A 90 10.72 22.92 10.90
C ILE A 90 11.74 23.43 9.91
N SER A 91 11.56 24.65 9.40
CA SER A 91 12.57 25.29 8.57
C SER A 91 13.80 25.73 9.36
N ASN A 92 13.77 25.63 10.69
CA ASN A 92 14.93 25.88 11.53
C ASN A 92 15.75 24.63 11.79
N SER A 93 15.36 23.48 11.25
CA SER A 93 16.03 22.23 11.58
C SER A 93 17.22 22.04 10.66
N TYR A 94 18.42 22.10 11.23
CA TYR A 94 19.66 21.72 10.57
C TYR A 94 20.45 20.93 11.60
N PHE A 95 20.87 19.72 11.25
CA PHE A 95 21.61 18.95 12.23
C PHE A 95 22.45 17.91 11.53
N THR A 96 23.31 17.28 12.32
CA THR A 96 24.23 16.22 11.93
C THR A 96 23.84 14.92 12.63
N VAL A 97 24.09 13.80 11.97
CA VAL A 97 23.92 12.50 12.60
C VAL A 97 25.17 11.66 12.33
N GLU A 98 25.68 11.01 13.38
CA GLU A 98 26.82 10.11 13.28
C GLU A 98 26.45 8.77 13.88
N ALA A 99 26.92 7.71 13.23
CA ALA A 99 26.78 6.34 13.72
C ALA A 99 28.17 5.86 14.08
N ASN A 100 28.44 5.73 15.37
CA ASN A 100 29.78 5.56 15.88
C ASN A 100 30.75 6.55 15.24
N ASP A 101 31.66 6.05 14.43
CA ASP A 101 32.71 6.85 13.82
C ASP A 101 32.35 7.38 12.44
N VAL A 102 31.23 7.00 11.90
CA VAL A 102 30.84 7.37 10.55
C VAL A 102 29.88 8.55 10.58
N THR A 103 30.07 9.48 9.66
CA THR A 103 29.20 10.64 9.56
C THR A 103 28.16 10.37 8.48
N LEU A 104 26.88 10.36 8.88
CA LEU A 104 25.78 10.05 7.98
C LEU A 104 25.20 11.30 7.33
N LEU A 105 24.89 12.32 8.15
CA LEU A 105 24.20 13.51 7.68
C LEU A 105 24.86 14.74 8.25
N SER A 106 24.82 15.84 7.51
CA SER A 106 25.50 17.06 7.92
C SER A 106 24.81 18.26 7.28
N ASN A 107 24.59 19.31 8.07
CA ASN A 107 23.78 20.45 7.66
C ASN A 107 22.51 19.96 6.97
N PHE A 108 21.95 18.89 7.49
CA PHE A 108 20.86 18.18 6.83
C PHE A 108 19.55 18.89 7.10
N SER A 109 18.84 19.25 6.03
CA SER A 109 17.50 19.84 6.11
C SER A 109 16.51 18.82 5.57
N ALA A 110 15.72 18.20 6.46
CA ALA A 110 14.67 17.32 5.97
C ALA A 110 13.64 18.09 5.18
N ALA A 111 13.43 19.37 5.55
CA ALA A 111 12.43 20.20 4.90
C ALA A 111 12.81 20.52 3.46
N ILE A 112 14.03 21.00 3.22
CA ILE A 112 14.42 21.33 1.86
C ILE A 112 14.55 20.07 1.00
N THR A 113 15.03 18.98 1.59
CA THR A 113 15.21 17.75 0.81
C THR A 113 13.88 17.24 0.29
N CYS A 114 12.88 17.22 1.16
CA CYS A 114 11.56 16.75 0.76
C CYS A 114 10.94 17.64 -0.30
N GLN A 115 11.16 18.96 -0.21
CA GLN A 115 10.51 19.84 -1.18
C GLN A 115 11.11 19.67 -2.57
N ALA A 116 12.39 19.31 -2.64
CA ALA A 116 12.97 18.98 -3.93
C ALA A 116 12.41 17.66 -4.45
N LEU A 117 12.37 16.63 -3.61
CA LEU A 117 11.95 15.34 -4.13
C LEU A 117 10.45 15.17 -4.14
N THR A 118 9.68 16.22 -3.82
CA THR A 118 8.22 16.12 -3.85
C THR A 118 7.78 14.92 -3.01
N GLN A 119 8.39 14.77 -1.86
CA GLN A 119 8.03 13.69 -0.97
C GLN A 119 7.49 14.26 0.33
N ALA A 120 6.77 13.42 1.06
CA ALA A 120 6.25 13.80 2.35
C ALA A 120 7.15 13.34 3.49
N TYR A 121 8.03 12.38 3.23
CA TYR A 121 8.86 11.78 4.27
C TYR A 121 10.13 11.24 3.63
N LEU A 122 11.17 11.05 4.45
CA LEU A 122 12.44 10.49 3.98
C LEU A 122 12.75 9.25 4.78
N VAL A 123 13.41 8.30 4.14
CA VAL A 123 14.04 7.20 4.84
C VAL A 123 15.48 7.14 4.36
N LYS A 124 16.42 7.43 5.24
CA LYS A 124 17.83 7.38 4.90
C LYS A 124 18.36 6.07 5.46
N GLU A 125 18.86 5.20 4.60
CA GLU A 125 19.31 3.90 5.05
C GLU A 125 20.81 3.74 4.80
N TYR A 126 21.45 2.98 5.68
CA TYR A 126 22.90 2.85 5.63
C TYR A 126 23.25 1.42 5.91
N SER A 127 24.45 1.01 5.47
CA SER A 127 24.98 -0.28 5.88
C SER A 127 26.35 -0.06 6.52
N LEU A 128 26.43 -0.25 7.80
CA LEU A 128 27.62 -0.01 8.53
C LEU A 128 28.41 -1.24 8.78
N ALA A 129 29.71 -1.10 8.58
CA ALA A 129 30.65 -2.19 8.74
C ALA A 129 30.86 -2.61 10.16
N PRO A 130 31.43 -3.79 10.32
CA PRO A 130 31.71 -4.35 11.63
C PRO A 130 32.59 -3.41 12.35
N THR A 131 32.26 -3.11 13.58
CA THR A 131 32.98 -2.07 14.30
C THR A 131 33.93 -2.48 15.34
N ASP A 132 33.76 -3.69 15.83
CA ASP A 132 34.49 -4.24 16.96
C ASP A 132 34.21 -3.43 18.25
N LYS A 133 32.98 -2.92 18.35
CA LYS A 133 32.47 -2.17 19.44
C LYS A 133 31.12 -2.74 19.68
N ASP A 134 30.89 -2.96 20.95
CA ASP A 134 29.74 -3.57 21.55
C ASP A 134 28.43 -2.86 21.38
N VAL A 135 28.48 -1.54 21.22
CA VAL A 135 27.30 -0.67 21.14
C VAL A 135 27.33 0.25 19.95
N LEU A 136 26.20 0.50 19.33
CA LEU A 136 26.14 1.49 18.27
C LEU A 136 25.56 2.79 18.82
N SER A 137 26.29 3.87 18.71
CA SER A 137 25.83 5.13 19.23
C SER A 137 25.50 6.00 18.12
N ILE A 138 24.30 6.55 18.12
CA ILE A 138 23.92 7.45 17.11
C ILE A 138 23.85 8.76 17.79
N LYS A 139 24.60 9.75 17.33
CA LYS A 139 24.63 11.07 17.94
C LYS A 139 24.00 12.10 17.00
N PHE A 140 22.97 12.80 17.49
CA PHE A 140 22.30 13.88 16.77
C PHE A 140 22.81 15.23 17.29
N THR A 141 23.32 16.06 16.40
CA THR A 141 23.95 17.32 16.77
C THR A 141 23.29 18.44 15.99
N PRO A 142 22.45 19.27 16.64
CA PRO A 142 21.89 20.44 15.95
C PRO A 142 22.99 21.40 15.54
N SER A 143 22.76 22.06 14.41
CA SER A 143 23.73 22.97 13.80
C SER A 143 24.01 24.17 14.69
N ASP A 144 25.28 24.50 14.86
CA ASP A 144 25.64 25.71 15.57
C ASP A 144 25.78 26.90 14.64
N LYS A 145 25.40 26.75 13.38
CA LYS A 145 25.48 27.81 12.40
C LYS A 145 24.14 28.49 12.13
N TYR A 146 23.06 28.05 12.79
CA TYR A 146 21.76 28.72 12.76
C TYR A 146 21.26 28.95 14.18
N ARG A 147 20.61 30.11 14.40
CA ARG A 147 20.37 30.53 15.78
C ARG A 147 19.40 29.57 16.50
N ASP A 148 18.31 29.13 15.85
CA ASP A 148 17.31 28.31 16.54
C ASP A 148 17.31 26.86 16.09
N ALA A 149 18.47 26.30 15.77
CA ALA A 149 18.53 24.94 15.26
C ALA A 149 17.96 23.94 16.28
N PHE A 150 17.41 22.84 15.74
CA PHE A 150 17.10 21.67 16.55
C PHE A 150 17.20 20.46 15.62
N ALA A 151 17.40 19.30 16.22
CA ALA A 151 17.37 18.02 15.51
C ALA A 151 16.09 17.25 15.84
N PHE A 152 15.67 16.38 14.91
CA PHE A 152 14.50 15.53 15.17
C PHE A 152 14.65 14.20 14.46
N ILE A 153 13.90 13.20 14.94
CA ILE A 153 13.91 11.83 14.39
C ILE A 153 12.60 11.10 14.68
N ASN A 154 12.02 10.48 13.66
CA ASN A 154 10.75 9.79 13.83
C ASN A 154 10.89 8.31 14.08
N GLY A 155 11.98 7.69 13.65
CA GLY A 155 12.13 6.26 13.75
C GLY A 155 13.53 5.82 13.42
N ILE A 156 13.99 4.77 14.09
CA ILE A 156 15.30 4.19 13.86
C ILE A 156 15.13 2.68 13.82
N GLU A 157 15.63 2.03 12.77
CA GLU A 157 15.72 0.57 12.79
C GLU A 157 17.19 0.15 12.74
N VAL A 158 17.51 -0.94 13.44
CA VAL A 158 18.84 -1.52 13.38
C VAL A 158 18.69 -3.00 13.12
N ILE A 159 19.12 -3.45 11.94
CA ILE A 159 18.95 -4.82 11.49
C ILE A 159 20.33 -5.40 11.19
N GLN A 160 20.66 -6.50 11.84
CA GLN A 160 21.89 -7.21 11.53
C GLN A 160 21.73 -7.96 10.21
N MET A 161 22.75 -7.90 9.37
CA MET A 161 22.72 -8.45 8.02
C MET A 161 24.01 -9.19 7.72
N PRO A 162 23.99 -10.14 6.73
CA PRO A 162 25.21 -10.89 6.40
C PRO A 162 26.23 -10.04 5.68
N GLU A 163 27.40 -10.59 5.37
CA GLU A 163 28.39 -9.80 4.64
C GLU A 163 28.14 -9.93 3.15
N LEU A 164 27.22 -9.11 2.66
CA LEU A 164 26.77 -9.17 1.27
C LEU A 164 27.57 -8.28 0.33
N PHE A 165 28.66 -7.68 0.80
CA PHE A 165 29.53 -6.90 -0.06
C PHE A 165 30.91 -7.51 -0.06
N ASP A 166 31.54 -7.57 -1.22
CA ASP A 166 32.87 -8.16 -1.22
C ASP A 166 33.79 -7.34 -2.10
N THR A 167 33.59 -7.37 -3.42
CA THR A 167 34.47 -6.64 -4.30
C THR A 167 33.66 -6.11 -5.47
N ALA A 168 34.13 -5.01 -6.05
CA ALA A 168 33.53 -4.37 -7.21
C ALA A 168 34.62 -4.02 -8.22
N ALA A 169 34.26 -4.04 -9.50
CA ALA A 169 35.17 -3.72 -10.59
C ALA A 169 35.19 -2.22 -10.85
N LEU A 170 36.37 -1.66 -11.06
CA LEU A 170 36.48 -0.23 -11.34
C LEU A 170 36.35 -0.01 -12.84
N VAL A 171 35.37 0.81 -13.24
CA VAL A 171 34.92 0.74 -14.63
C VAL A 171 35.97 1.27 -15.58
N GLY A 172 36.73 2.28 -15.18
CA GLY A 172 37.68 2.85 -16.12
C GLY A 172 38.72 1.86 -16.63
N PHE A 173 38.99 0.80 -15.87
CA PHE A 173 40.28 0.15 -15.98
C PHE A 173 40.14 -1.36 -16.19
N THR A 174 41.22 -1.95 -16.68
CA THR A 174 41.26 -3.37 -17.01
C THR A 174 41.28 -4.25 -15.76
N ASP A 175 42.24 -4.03 -14.88
CA ASP A 175 42.57 -5.00 -13.83
C ASP A 175 42.17 -4.55 -12.44
N GLN A 176 41.60 -3.36 -12.29
CA GLN A 176 41.39 -2.76 -10.98
C GLN A 176 40.09 -3.24 -10.31
N THR A 177 40.23 -3.85 -9.14
CA THR A 177 39.09 -4.26 -8.32
C THR A 177 39.17 -3.52 -7.00
N MET A 178 38.01 -3.32 -6.38
CA MET A 178 37.91 -2.65 -5.10
C MET A 178 37.36 -3.58 -4.03
N ASP A 179 37.81 -3.38 -2.80
CA ASP A 179 37.34 -4.12 -1.64
C ASP A 179 36.24 -3.35 -0.95
N ALA A 180 35.09 -3.99 -0.71
CA ALA A 180 33.98 -3.31 -0.04
C ALA A 180 33.50 -4.01 1.22
N LYS A 181 34.24 -4.98 1.79
CA LYS A 181 33.73 -5.66 2.98
C LYS A 181 33.92 -4.85 4.25
N THR A 182 34.77 -3.84 4.25
CA THR A 182 34.90 -2.98 5.41
C THR A 182 34.40 -1.57 5.13
N ALA A 183 33.51 -1.42 4.15
CA ALA A 183 33.05 -0.12 3.69
C ALA A 183 31.72 0.27 4.34
N ASN A 184 31.54 1.56 4.55
CA ASN A 184 30.28 2.09 5.05
C ASN A 184 29.49 2.66 3.88
N LEU A 185 28.26 2.17 3.72
CA LEU A 185 27.50 2.48 2.52
C LEU A 185 26.16 3.14 2.85
N GLN A 186 25.73 3.98 1.92
CA GLN A 186 24.37 4.51 1.88
C GLN A 186 23.68 3.97 0.63
N SER A 187 22.48 3.41 0.82
CA SER A 187 21.68 2.96 -0.30
C SER A 187 21.07 4.17 -0.99
N MET A 188 21.38 4.36 -2.26
CA MET A 188 20.86 5.54 -2.95
C MET A 188 19.59 5.21 -3.72
N PHE A 189 19.59 4.13 -4.49
CA PHE A 189 18.44 3.64 -5.23
C PHE A 189 18.41 2.12 -5.13
N ARG A 190 17.22 1.56 -4.99
CA ARG A 190 17.06 0.11 -4.98
C ARG A 190 15.86 -0.22 -5.85
N LEU A 191 16.12 -0.76 -7.05
CA LEU A 191 15.13 -0.87 -8.12
C LEU A 191 14.83 -2.32 -8.47
N ASN A 192 13.55 -2.59 -8.73
CA ASN A 192 13.13 -3.82 -9.41
C ASN A 192 12.87 -3.50 -10.89
N VAL A 193 13.87 -3.75 -11.73
CA VAL A 193 13.79 -3.34 -13.11
C VAL A 193 12.82 -4.23 -13.87
N GLY A 194 11.85 -3.62 -14.55
CA GLY A 194 10.85 -4.40 -15.23
C GLY A 194 9.80 -5.01 -14.32
N GLY A 195 9.78 -4.63 -13.04
CA GLY A 195 8.89 -5.25 -12.08
C GLY A 195 8.13 -4.18 -11.32
N GLN A 196 7.22 -4.64 -10.47
CA GLN A 196 6.46 -3.76 -9.61
C GLN A 196 7.19 -3.54 -8.29
N ASP A 197 6.74 -2.52 -7.54
CA ASP A 197 7.40 -2.25 -6.25
C ASP A 197 7.21 -3.43 -5.32
N ILE A 198 8.25 -3.72 -4.54
CA ILE A 198 8.24 -4.82 -3.59
C ILE A 198 8.33 -4.23 -2.19
N PRO A 199 7.32 -4.37 -1.36
CA PRO A 199 7.39 -3.78 -0.01
C PRO A 199 8.30 -4.59 0.90
N GLY A 200 8.84 -3.91 1.92
CA GLY A 200 9.83 -4.54 2.77
C GLY A 200 9.38 -5.87 3.35
N SER A 201 8.07 -6.03 3.58
CA SER A 201 7.51 -7.26 4.11
C SER A 201 7.64 -8.43 3.14
N GLN A 202 7.98 -8.17 1.88
CA GLN A 202 8.19 -9.18 0.85
C GLN A 202 9.66 -9.36 0.49
N ASP A 203 10.59 -8.87 1.28
CA ASP A 203 12.00 -8.89 0.91
C ASP A 203 12.74 -10.03 1.60
N SER A 204 13.88 -10.38 1.03
CA SER A 204 14.72 -11.48 1.47
C SER A 204 15.33 -11.25 2.85
N GLY A 205 15.72 -12.34 3.49
CA GLY A 205 16.55 -12.28 4.67
C GLY A 205 16.03 -11.47 5.84
N GLY A 206 14.74 -11.15 5.86
CA GLY A 206 14.21 -10.34 6.94
C GLY A 206 14.80 -8.96 7.01
N LEU A 207 15.27 -8.42 5.89
CA LEU A 207 15.86 -7.10 5.88
C LEU A 207 14.85 -6.00 5.62
N THR A 208 13.68 -6.36 5.08
CA THR A 208 12.60 -5.42 4.81
C THR A 208 13.07 -4.22 3.99
N ARG A 209 13.88 -4.49 2.97
CA ARG A 209 14.17 -3.46 1.98
C ARG A 209 12.99 -3.33 1.02
N THR A 210 12.83 -2.15 0.45
CA THR A 210 11.87 -1.91 -0.62
C THR A 210 12.59 -1.79 -1.95
N TRP A 211 12.10 -2.52 -2.95
CA TRP A 211 12.59 -2.46 -4.32
C TRP A 211 11.56 -1.73 -5.16
N TYR A 212 11.96 -0.63 -5.79
CA TYR A 212 11.05 0.22 -6.54
C TYR A 212 11.09 -0.08 -8.02
N ASN A 213 9.98 0.21 -8.68
CA ASN A 213 9.91 0.16 -10.12
C ASN A 213 10.92 1.13 -10.73
N ASP A 214 11.51 0.75 -11.86
CA ASP A 214 12.60 1.54 -12.44
C ASP A 214 12.16 2.55 -13.49
N ALA A 215 10.91 2.48 -13.95
CA ALA A 215 10.45 3.34 -15.05
C ALA A 215 10.79 4.82 -14.89
N PRO A 216 10.72 5.44 -13.69
CA PRO A 216 11.02 6.88 -13.60
C PRO A 216 12.47 7.25 -13.88
N TYR A 217 13.36 6.29 -14.13
CA TYR A 217 14.77 6.63 -14.26
C TYR A 217 15.31 6.49 -15.68
N ILE A 218 14.44 6.23 -16.65
CA ILE A 218 14.85 6.01 -18.04
C ILE A 218 14.94 7.35 -18.75
N PHE A 219 16.12 7.66 -19.25
CA PHE A 219 16.32 8.89 -20.00
C PHE A 219 16.24 8.66 -21.50
N SER A 220 16.41 7.42 -21.95
CA SER A 220 16.34 7.10 -23.36
C SER A 220 14.88 7.20 -23.86
N ALA A 221 14.73 7.55 -25.15
CA ALA A 221 13.39 7.74 -25.71
C ALA A 221 12.50 6.52 -25.48
N GLY A 222 13.00 5.34 -25.84
CA GLY A 222 12.20 4.13 -25.69
C GLY A 222 12.22 3.61 -24.25
N LEU A 223 11.08 3.09 -23.81
CA LEU A 223 11.03 2.47 -22.50
C LEU A 223 11.23 0.95 -22.57
N GLY A 224 11.75 0.45 -23.68
CA GLY A 224 12.11 -0.97 -23.77
C GLY A 224 10.92 -1.91 -23.87
N VAL A 225 11.18 -3.17 -23.57
CA VAL A 225 10.15 -4.20 -23.50
C VAL A 225 10.37 -5.00 -22.22
N THR A 226 9.39 -4.99 -21.32
CA THR A 226 9.51 -5.69 -20.06
C THR A 226 9.19 -7.16 -20.24
N LEU A 227 9.92 -8.00 -19.51
CA LEU A 227 9.77 -9.45 -19.59
C LEU A 227 9.39 -9.99 -18.23
N GLN A 228 8.68 -11.10 -18.25
CA GLN A 228 8.20 -11.71 -17.01
C GLN A 228 8.22 -13.22 -17.15
N ALA A 229 8.71 -13.89 -16.13
CA ALA A 229 8.65 -15.33 -16.13
C ALA A 229 7.28 -15.80 -15.62
N SER A 230 6.89 -16.98 -16.08
CA SER A 230 5.71 -17.66 -15.57
C SER A 230 5.82 -17.86 -14.07
N ASN A 231 4.68 -17.82 -13.37
CA ASN A 231 4.78 -17.83 -11.91
C ASN A 231 4.95 -19.22 -11.32
N ASN A 232 5.02 -20.24 -12.15
CA ASN A 232 5.53 -21.54 -11.74
C ASN A 232 7.05 -21.62 -11.84
N PHE A 233 7.67 -20.58 -12.39
CA PHE A 233 9.12 -20.53 -12.58
C PHE A 233 9.85 -20.42 -11.28
N ARG A 234 10.80 -21.30 -11.06
CA ARG A 234 11.53 -21.31 -9.83
C ARG A 234 12.95 -20.87 -10.05
N ILE A 235 13.42 -19.98 -9.22
CA ILE A 235 14.75 -19.48 -9.33
C ILE A 235 15.73 -20.31 -8.51
N ASN A 236 16.76 -20.82 -9.16
CA ASN A 236 17.74 -21.64 -8.50
C ASN A 236 18.86 -20.78 -8.00
N TYR A 237 18.79 -20.38 -6.75
CA TYR A 237 19.79 -19.57 -6.09
C TYR A 237 21.13 -20.23 -5.95
N GLN A 238 21.10 -21.52 -5.64
CA GLN A 238 22.23 -22.40 -5.38
C GLN A 238 22.95 -21.98 -4.15
N ASN A 239 24.24 -21.69 -4.22
CA ASN A 239 24.91 -21.23 -3.02
C ASN A 239 24.84 -19.77 -2.81
N MET A 240 24.24 -19.03 -3.72
CA MET A 240 24.07 -17.61 -3.52
C MET A 240 23.15 -17.42 -2.36
N PRO A 241 23.47 -16.49 -1.48
CA PRO A 241 22.64 -16.26 -0.34
C PRO A 241 21.32 -15.69 -0.74
N VAL A 242 20.28 -16.05 -0.04
CA VAL A 242 18.96 -15.55 -0.33
C VAL A 242 18.72 -14.10 -0.06
N SER A 243 19.52 -13.51 0.81
CA SER A 243 19.46 -12.14 1.21
C SER A 243 19.84 -11.14 0.19
N ILE A 244 20.53 -11.55 -0.85
CA ILE A 244 21.00 -10.64 -1.87
C ILE A 244 19.85 -9.92 -2.47
N ALA A 245 18.81 -10.63 -2.85
CA ALA A 245 17.56 -10.10 -3.35
C ALA A 245 16.50 -11.16 -3.32
N PRO A 246 15.27 -10.74 -3.31
CA PRO A 246 14.12 -11.62 -3.35
C PRO A 246 13.91 -12.20 -4.71
N ALA A 247 13.32 -13.36 -4.82
CA ALA A 247 13.14 -13.98 -6.12
C ALA A 247 12.31 -13.19 -7.06
N ASP A 248 11.44 -12.35 -6.54
CA ASP A 248 10.63 -11.54 -7.37
C ASP A 248 11.41 -10.56 -8.24
N ILE A 249 12.61 -10.20 -7.84
CA ILE A 249 13.53 -9.40 -8.64
C ILE A 249 13.91 -10.16 -9.91
N TYR A 250 14.27 -11.43 -9.74
CA TYR A 250 14.82 -12.21 -10.83
C TYR A 250 13.77 -12.71 -11.82
N LYS A 251 12.47 -12.69 -11.47
CA LYS A 251 11.40 -13.15 -12.34
C LYS A 251 10.79 -12.05 -13.21
N THR A 252 11.42 -10.88 -13.27
CA THR A 252 11.06 -9.86 -14.25
C THR A 252 12.32 -9.13 -14.65
N ALA A 253 12.33 -8.68 -15.90
CA ALA A 253 13.43 -7.95 -16.50
C ALA A 253 12.89 -6.88 -17.44
N ARG A 254 13.72 -5.89 -17.74
CA ARG A 254 13.42 -4.95 -18.81
C ARG A 254 14.51 -5.05 -19.88
N SER A 255 14.09 -5.17 -21.13
CA SER A 255 15.03 -5.40 -22.20
C SER A 255 14.83 -4.35 -23.26
N GLN A 256 15.62 -4.45 -24.33
CA GLN A 256 15.47 -3.49 -25.41
C GLN A 256 14.36 -3.89 -26.34
N GLY A 257 14.30 -5.15 -26.73
CA GLY A 257 13.26 -5.55 -27.63
C GLY A 257 13.64 -6.53 -28.70
N PRO A 258 12.71 -6.82 -29.57
CA PRO A 258 12.93 -7.83 -30.59
C PRO A 258 13.51 -7.35 -31.87
N ASN A 259 13.68 -6.07 -32.09
CA ASN A 259 14.26 -5.63 -33.32
C ASN A 259 15.70 -5.33 -33.11
N GLY A 260 16.54 -6.27 -33.50
CA GLY A 260 17.96 -6.18 -33.36
C GLY A 260 18.66 -5.09 -34.08
N ASP A 261 18.23 -4.75 -35.29
CA ASP A 261 18.79 -3.71 -36.12
C ASP A 261 18.65 -2.42 -35.40
N ILE A 262 17.47 -2.16 -34.87
CA ILE A 262 17.20 -1.00 -34.07
C ILE A 262 17.89 -0.98 -32.70
N ASN A 263 18.03 -2.15 -32.07
CA ASN A 263 18.65 -2.27 -30.77
C ASN A 263 20.06 -1.85 -30.79
N LEU A 264 20.78 -2.22 -31.84
CA LEU A 264 22.20 -1.92 -32.05
C LEU A 264 22.54 -0.48 -32.14
N LYS A 265 21.60 0.28 -32.66
CA LYS A 265 21.69 1.70 -32.83
C LYS A 265 21.25 2.51 -31.60
N SER A 266 20.95 1.83 -30.51
CA SER A 266 20.53 2.49 -29.30
C SER A 266 21.14 1.91 -28.07
N ASN A 267 21.03 2.67 -27.01
CA ASN A 267 21.43 2.27 -25.68
C ASN A 267 20.16 2.32 -24.82
N LEU A 268 20.02 1.41 -23.87
CA LEU A 268 18.92 1.40 -22.93
C LEU A 268 19.51 2.19 -21.80
N THR A 269 18.87 3.25 -21.37
CA THR A 269 19.58 4.20 -20.51
C THR A 269 18.79 4.53 -19.24
N TRP A 270 19.39 4.26 -18.09
CA TRP A 270 18.94 4.73 -16.80
C TRP A 270 19.89 5.84 -16.32
N MET A 271 19.36 6.86 -15.63
CA MET A 271 20.28 7.85 -15.08
C MET A 271 19.75 8.36 -13.74
N PHE A 272 20.67 8.69 -12.83
CA PHE A 272 20.31 8.90 -11.42
C PHE A 272 21.00 10.12 -10.84
N GLN A 273 20.30 10.81 -9.95
CA GLN A 273 20.85 11.96 -9.25
C GLN A 273 21.57 11.50 -7.98
N ILE A 274 22.85 11.86 -7.85
CA ILE A 274 23.68 11.46 -6.70
C ILE A 274 24.51 12.64 -6.22
N ASP A 275 25.32 12.39 -5.18
CA ASP A 275 26.17 13.38 -4.53
C ASP A 275 27.58 13.31 -5.11
N LYS A 276 28.09 14.47 -5.52
CA LYS A 276 29.44 14.57 -6.06
C LYS A 276 30.47 14.32 -4.94
N ASN A 277 31.67 13.93 -5.36
CA ASN A 277 32.83 13.69 -4.49
C ASN A 277 32.72 12.37 -3.72
N PHE A 278 32.06 11.36 -4.29
CA PHE A 278 32.01 10.05 -3.68
C PHE A 278 32.19 8.97 -4.75
N THR A 279 32.63 7.81 -4.29
CA THR A 279 32.59 6.60 -5.10
C THR A 279 31.29 5.85 -4.87
N TYR A 280 30.68 5.35 -5.96
CA TYR A 280 29.46 4.57 -5.89
C TYR A 280 29.72 3.15 -6.37
N ILE A 281 28.98 2.21 -5.79
CA ILE A 281 28.93 0.84 -6.27
C ILE A 281 27.57 0.63 -6.91
N LEU A 282 27.57 0.18 -8.16
CA LEU A 282 26.39 -0.24 -8.88
C LEU A 282 26.34 -1.76 -8.78
N ARG A 283 25.27 -2.28 -8.21
CA ARG A 283 25.04 -3.71 -8.17
C ARG A 283 23.96 -4.01 -9.20
N LEU A 284 24.33 -4.73 -10.25
CA LEU A 284 23.39 -5.12 -11.28
C LEU A 284 22.99 -6.58 -11.08
N HIS A 285 21.69 -6.83 -10.95
CA HIS A 285 21.14 -8.18 -10.78
C HIS A 285 20.73 -8.79 -12.12
N PHE A 286 20.90 -10.10 -12.24
CA PHE A 286 20.55 -10.78 -13.48
C PHE A 286 19.98 -12.16 -13.20
N CYS A 287 19.04 -12.55 -14.05
CA CYS A 287 18.65 -13.95 -14.18
C CYS A 287 18.03 -14.09 -15.54
N GLU A 288 18.48 -15.08 -16.32
CA GLU A 288 17.91 -15.33 -17.62
C GLU A 288 16.83 -16.40 -17.47
N PHE A 289 15.56 -16.03 -17.75
CA PHE A 289 14.42 -16.96 -17.71
C PHE A 289 13.77 -17.16 -19.07
N GLN A 290 14.38 -16.72 -20.16
CA GLN A 290 13.81 -17.01 -21.48
C GLN A 290 14.76 -17.84 -22.33
N LEU A 291 15.97 -17.35 -22.55
CA LEU A 291 16.95 -18.06 -23.34
C LEU A 291 17.55 -19.18 -22.48
N SER A 292 18.32 -20.06 -23.12
CA SER A 292 18.89 -21.20 -22.42
C SER A 292 20.38 -21.46 -22.66
N LYS A 293 21.05 -20.75 -23.58
CA LYS A 293 22.45 -21.07 -23.87
C LYS A 293 23.32 -19.83 -24.09
N ILE A 294 24.62 -20.05 -23.94
CA ILE A 294 25.67 -19.08 -24.24
C ILE A 294 25.60 -18.58 -25.68
N ASN A 295 25.84 -17.29 -25.85
CA ASN A 295 25.86 -16.63 -27.15
C ASN A 295 24.47 -16.56 -27.80
N GLN A 296 23.42 -16.56 -26.99
CA GLN A 296 22.11 -16.16 -27.48
C GLN A 296 21.84 -14.68 -27.26
N LYS A 297 22.25 -14.12 -26.12
CA LYS A 297 22.14 -12.70 -25.89
C LYS A 297 23.46 -12.22 -25.31
N VAL A 298 24.05 -11.20 -25.94
CA VAL A 298 25.36 -10.68 -25.58
C VAL A 298 25.36 -9.16 -25.75
N PHE A 299 25.75 -8.43 -24.70
CA PHE A 299 25.54 -7.00 -24.70
C PHE A 299 26.60 -6.28 -23.87
N ASN A 300 26.67 -4.98 -24.09
CA ASN A 300 27.66 -4.11 -23.46
C ASN A 300 27.03 -3.31 -22.34
N ILE A 301 27.83 -3.01 -21.34
CA ILE A 301 27.44 -2.20 -20.20
C ILE A 301 28.41 -1.06 -19.99
N TYR A 302 27.90 0.15 -19.84
CA TYR A 302 28.74 1.29 -19.61
C TYR A 302 28.24 2.07 -18.46
N ILE A 303 29.13 2.59 -17.62
CA ILE A 303 28.74 3.44 -16.53
C ILE A 303 29.46 4.74 -16.69
N ASN A 304 28.73 5.83 -16.70
CA ASN A 304 29.25 7.19 -16.90
C ASN A 304 30.25 7.28 -18.05
N ASN A 305 29.76 6.93 -19.24
CA ASN A 305 30.53 7.02 -20.50
C ASN A 305 31.80 6.19 -20.48
N ARG A 306 31.92 5.25 -19.55
CA ARG A 306 33.03 4.34 -19.50
C ARG A 306 32.55 2.90 -19.52
N THR A 307 33.45 2.01 -19.91
CA THR A 307 33.14 0.60 -20.13
C THR A 307 33.02 -0.14 -18.81
N ALA A 308 31.85 -0.71 -18.55
CA ALA A 308 31.79 -1.67 -17.46
C ALA A 308 32.01 -3.07 -17.98
N GLN A 309 31.39 -3.41 -19.10
CA GLN A 309 31.64 -4.71 -19.70
C GLN A 309 31.42 -4.56 -21.19
N ALA A 310 32.49 -4.72 -21.96
CA ALA A 310 32.43 -4.48 -23.39
C ALA A 310 33.65 -5.15 -24.05
N ASP A 311 34.08 -4.62 -25.19
CA ASP A 311 35.20 -5.18 -25.93
C ASP A 311 35.02 -6.68 -26.11
N THR A 312 35.98 -7.49 -25.69
CA THR A 312 35.93 -8.92 -25.91
C THR A 312 35.32 -9.66 -24.74
N THR A 313 34.94 -8.95 -23.70
CA THR A 313 34.38 -9.56 -22.50
C THR A 313 33.08 -8.86 -22.18
N PRO A 314 32.07 -9.00 -23.04
CA PRO A 314 30.78 -8.38 -22.78
C PRO A 314 29.96 -9.28 -21.87
N ALA A 315 28.80 -8.78 -21.46
CA ALA A 315 27.95 -9.55 -20.57
C ALA A 315 27.21 -10.63 -21.35
N ASP A 316 27.16 -11.82 -20.77
CA ASP A 316 26.33 -12.91 -21.28
C ASP A 316 25.83 -13.66 -20.05
N ILE A 317 24.53 -13.56 -19.75
CA ILE A 317 24.04 -14.02 -18.44
C ILE A 317 24.28 -15.52 -18.30
N ILE A 318 23.82 -16.30 -19.27
CA ILE A 318 24.06 -17.73 -19.21
C ILE A 318 25.53 -18.04 -19.43
N GLY A 319 26.26 -17.17 -20.11
CA GLY A 319 27.71 -17.28 -20.13
C GLY A 319 28.31 -17.28 -18.74
N TRP A 320 27.80 -16.42 -17.87
CA TRP A 320 28.25 -16.34 -16.49
C TRP A 320 27.64 -17.45 -15.64
N THR A 321 26.34 -17.64 -15.76
CA THR A 321 25.58 -18.50 -14.86
C THR A 321 25.56 -19.98 -15.27
N GLY A 322 25.56 -20.27 -16.58
CA GLY A 322 25.63 -21.63 -17.07
C GLY A 322 24.30 -22.33 -17.25
N GLU A 323 23.20 -21.76 -16.77
CA GLU A 323 21.93 -22.46 -16.83
C GLU A 323 20.82 -21.44 -16.68
N LYS A 324 19.68 -21.75 -17.27
CA LYS A 324 18.54 -20.87 -17.16
C LYS A 324 17.97 -20.92 -15.75
N GLY A 325 17.55 -19.76 -15.26
CA GLY A 325 16.91 -19.60 -13.98
C GLY A 325 17.83 -19.44 -12.79
N ILE A 326 19.12 -19.25 -13.00
CA ILE A 326 20.08 -19.08 -11.92
C ILE A 326 20.36 -17.58 -11.76
N PRO A 327 20.20 -17.02 -10.55
CA PRO A 327 20.44 -15.59 -10.36
C PRO A 327 21.92 -15.28 -10.09
N MET A 328 22.28 -14.03 -10.37
CA MET A 328 23.65 -13.58 -10.20
C MET A 328 23.66 -12.06 -10.11
N TYR A 329 24.81 -11.51 -9.70
CA TYR A 329 24.99 -10.07 -9.72
C TYR A 329 26.47 -9.76 -9.98
N LYS A 330 26.73 -8.53 -10.46
CA LYS A 330 28.08 -8.00 -10.58
C LYS A 330 28.12 -6.60 -10.01
N ASP A 331 29.14 -6.29 -9.23
CA ASP A 331 29.35 -4.95 -8.67
C ASP A 331 30.38 -4.18 -9.46
N TYR A 332 30.09 -2.89 -9.72
CA TYR A 332 30.99 -1.98 -10.40
C TYR A 332 31.13 -0.71 -9.57
N ALA A 333 32.35 -0.19 -9.50
CA ALA A 333 32.61 1.05 -8.80
C ALA A 333 32.92 2.17 -9.79
N ILE A 334 32.54 3.39 -9.41
CA ILE A 334 32.91 4.57 -10.17
C ILE A 334 33.08 5.73 -9.20
N TYR A 335 34.14 6.52 -9.40
CA TYR A 335 34.28 7.77 -8.67
C TYR A 335 33.68 8.91 -9.47
N VAL A 336 33.02 9.83 -8.78
CA VAL A 336 32.25 10.88 -9.40
C VAL A 336 32.82 12.22 -8.96
N ASP A 337 33.54 12.89 -9.86
CA ASP A 337 33.73 14.35 -9.85
C ASP A 337 34.26 14.76 -11.23
N GLY A 342 28.35 17.12 -13.46
CA GLY A 342 28.64 15.73 -13.21
C GLY A 342 27.87 15.11 -12.06
N GLU A 343 26.78 15.74 -11.63
CA GLU A 343 26.00 15.22 -10.51
C GLU A 343 25.02 14.10 -10.83
N GLU A 344 25.37 13.22 -11.77
CA GLU A 344 24.52 12.12 -12.14
C GLU A 344 25.33 10.84 -12.30
N ILE A 345 24.63 9.71 -12.29
CA ILE A 345 25.20 8.41 -12.68
C ILE A 345 24.32 7.82 -13.77
N THR A 346 24.95 7.46 -14.88
CA THR A 346 24.27 6.97 -16.07
C THR A 346 24.64 5.52 -16.26
N LEU A 347 23.64 4.66 -16.40
CA LEU A 347 23.80 3.27 -16.77
C LEU A 347 23.28 3.10 -18.19
N GLN A 348 24.05 2.42 -19.04
CA GLN A 348 23.66 2.27 -20.43
C GLN A 348 23.92 0.85 -20.90
N MET A 349 23.05 0.37 -21.78
CA MET A 349 23.14 -0.97 -22.36
C MET A 349 22.89 -0.96 -23.86
N THR A 350 23.67 -1.78 -24.56
CA THR A 350 23.52 -1.99 -25.99
C THR A 350 24.01 -3.40 -26.29
N PRO A 351 23.58 -4.01 -27.38
CA PRO A 351 24.04 -5.36 -27.70
C PRO A 351 25.44 -5.38 -28.30
N SER A 352 26.06 -6.54 -28.20
CA SER A 352 27.43 -6.76 -28.67
C SER A 352 27.44 -7.64 -29.92
N THR A 353 28.29 -7.28 -30.87
CA THR A 353 28.53 -8.09 -32.05
C THR A 353 29.58 -9.16 -31.83
N PHE A 354 30.33 -9.09 -30.72
CA PHE A 354 31.39 -10.04 -30.46
C PHE A 354 30.84 -11.46 -30.38
N GLY A 355 31.29 -12.31 -31.29
CA GLY A 355 30.88 -13.70 -31.30
C GLY A 355 29.61 -14.00 -32.06
N GLN A 356 29.06 -13.00 -32.80
CA GLN A 356 27.74 -12.98 -33.41
C GLN A 356 26.69 -13.78 -32.63
N PRO A 357 26.09 -13.17 -31.60
CA PRO A 357 25.05 -13.85 -30.82
C PRO A 357 23.77 -14.05 -31.62
N GLU A 358 22.97 -15.03 -31.17
CA GLU A 358 21.73 -15.35 -31.85
C GLU A 358 20.75 -14.19 -31.85
N TYR A 359 20.78 -13.35 -30.82
CA TYR A 359 19.95 -12.16 -30.73
C TYR A 359 20.84 -10.94 -30.49
N TYR A 360 20.28 -9.76 -30.77
CA TYR A 360 20.94 -8.49 -30.42
C TYR A 360 20.02 -7.74 -29.47
N ASP A 361 20.21 -8.01 -28.18
CA ASP A 361 19.36 -7.47 -27.14
C ASP A 361 20.23 -7.24 -25.90
N SER A 362 19.64 -6.62 -24.88
CA SER A 362 20.27 -6.50 -23.58
C SER A 362 19.16 -6.48 -22.54
N SER A 363 19.49 -6.93 -21.32
CA SER A 363 18.50 -7.21 -20.29
C SER A 363 19.07 -6.92 -18.90
N LEU A 364 18.22 -6.42 -18.00
CA LEU A 364 18.58 -6.22 -16.60
C LEU A 364 17.40 -6.53 -15.69
N ASN A 365 17.69 -7.22 -14.58
CA ASN A 365 16.67 -7.70 -13.66
C ASN A 365 16.49 -6.85 -12.40
N GLY A 366 17.54 -6.17 -11.94
CA GLY A 366 17.45 -5.34 -10.74
C GLY A 366 18.73 -4.52 -10.59
N LEU A 367 18.64 -3.48 -9.76
CA LEU A 367 19.75 -2.55 -9.64
C LEU A 367 19.76 -1.87 -8.28
N GLU A 368 20.92 -1.93 -7.60
CA GLU A 368 21.17 -1.14 -6.40
C GLU A 368 22.36 -0.20 -6.62
N ILE A 369 22.26 1.01 -6.10
CA ILE A 369 23.35 1.98 -6.13
C ILE A 369 23.70 2.33 -4.68
N PHE A 370 24.94 2.03 -4.26
CA PHE A 370 25.38 2.36 -2.91
C PHE A 370 26.43 3.45 -2.97
N LYS A 371 26.43 4.30 -1.96
CA LYS A 371 27.45 5.34 -1.82
C LYS A 371 28.45 4.86 -0.80
N MET A 372 29.74 5.01 -1.05
CA MET A 372 30.77 4.62 -0.10
C MET A 372 31.39 5.83 0.53
N ASP A 373 31.79 5.70 1.78
CA ASP A 373 32.40 6.76 2.54
C ASP A 373 33.78 7.14 2.11
N THR A 374 34.06 8.42 2.17
CA THR A 374 35.35 8.91 1.90
C THR A 374 35.78 9.17 3.28
N MET A 375 36.68 8.36 3.81
CA MET A 375 37.16 8.57 5.17
C MET A 375 36.06 8.73 6.22
N LYS A 376 35.18 7.77 6.26
CA LYS A 376 34.05 7.72 7.19
C LYS A 376 33.04 8.86 7.15
N ASN A 377 32.74 9.37 5.99
CA ASN A 377 31.72 10.37 5.85
C ASN A 377 30.87 10.00 4.68
N LEU A 378 29.57 10.00 4.85
CA LEU A 378 28.62 9.75 3.79
C LEU A 378 27.75 10.94 3.53
N ALA A 379 28.07 12.08 4.06
CA ALA A 379 27.25 13.22 3.97
C ALA A 379 27.43 14.11 2.78
N GLY A 380 26.34 14.27 2.05
CA GLY A 380 26.28 15.15 0.92
C GLY A 380 25.53 16.41 1.26
N PRO A 381 25.31 17.25 0.28
CA PRO A 381 24.56 18.49 0.46
C PRO A 381 23.06 18.33 0.37
N ASN A 382 22.31 19.40 0.49
CA ASN A 382 20.87 19.38 0.40
C ASN A 382 20.46 19.76 -0.98
N PRO A 383 19.42 19.16 -1.51
CA PRO A 383 18.97 19.51 -2.84
C PRO A 383 18.47 20.94 -2.86
N GLY B 1 -14.74 -27.11 -0.66
CA GLY B 1 -15.37 -25.85 -1.02
C GLY B 1 -14.52 -24.62 -0.78
N GLN B 2 -13.77 -24.22 -1.79
CA GLN B 2 -12.94 -23.01 -1.74
C GLN B 2 -13.57 -21.91 -2.58
N ASP B 3 -13.17 -20.67 -2.27
CA ASP B 3 -13.64 -19.45 -2.92
C ASP B 3 -12.94 -19.12 -4.21
N LEU B 4 -13.41 -18.16 -4.96
CA LEU B 4 -12.82 -17.84 -6.25
C LEU B 4 -12.34 -16.48 -6.48
N ALA B 5 -11.19 -16.34 -7.10
CA ALA B 5 -10.70 -15.05 -7.52
C ALA B 5 -10.25 -15.23 -8.94
N LEU B 6 -11.02 -14.69 -9.87
CA LEU B 6 -10.78 -14.78 -11.31
C LEU B 6 -10.17 -13.50 -11.81
N SER B 7 -8.96 -13.57 -12.35
CA SER B 7 -8.33 -12.38 -12.89
C SER B 7 -8.64 -12.20 -14.36
N CYS B 8 -9.81 -12.65 -14.76
CA CYS B 8 -10.47 -12.34 -16.03
C CYS B 8 -9.47 -12.53 -17.17
N GLY B 9 -9.37 -11.60 -18.12
CA GLY B 9 -8.63 -11.82 -19.36
C GLY B 9 -7.19 -12.30 -19.31
N THR B 10 -6.88 -13.27 -18.46
CA THR B 10 -5.54 -13.81 -18.31
C THR B 10 -5.58 -15.31 -18.60
N SER B 11 -4.41 -15.86 -18.91
CA SER B 11 -4.26 -17.25 -19.31
C SER B 11 -3.61 -18.14 -18.25
N GLU B 12 -3.19 -17.59 -17.12
CA GLU B 12 -2.45 -18.32 -16.10
C GLU B 12 -2.59 -17.56 -14.78
N ALA B 13 -2.26 -18.23 -13.68
CA ALA B 13 -2.38 -17.63 -12.35
C ALA B 13 -1.44 -16.43 -12.16
N SER B 14 -1.88 -15.52 -11.30
CA SER B 14 -1.16 -14.31 -10.94
C SER B 14 -1.29 -14.10 -9.44
N ALA B 15 -0.53 -13.14 -8.90
CA ALA B 15 -0.65 -12.72 -7.50
C ALA B 15 -0.67 -11.21 -7.42
N ASP B 16 -1.51 -10.65 -6.54
CA ASP B 16 -1.61 -9.20 -6.42
C ASP B 16 -0.62 -8.68 -5.37
N GLN B 17 -0.64 -7.35 -5.18
CA GLN B 17 0.25 -6.71 -4.20
C GLN B 17 0.23 -7.39 -2.84
N ASP B 18 -0.93 -7.91 -2.42
CA ASP B 18 -1.06 -8.67 -1.18
C ASP B 18 -0.65 -10.14 -1.39
N LYS B 19 -0.04 -10.44 -2.55
CA LYS B 19 0.19 -11.79 -3.09
C LYS B 19 -0.99 -12.73 -2.78
N LYS B 20 -2.19 -12.24 -3.08
CA LYS B 20 -3.42 -12.99 -3.19
C LYS B 20 -3.46 -13.63 -4.56
N LYS B 21 -3.68 -14.93 -4.62
CA LYS B 21 -3.67 -15.58 -5.87
C LYS B 21 -4.94 -15.48 -6.67
N TRP B 22 -4.76 -15.16 -7.92
CA TRP B 22 -5.82 -15.07 -8.86
C TRP B 22 -5.66 -16.15 -9.88
N GLU B 23 -6.76 -16.53 -10.49
CA GLU B 23 -6.74 -17.52 -11.55
C GLU B 23 -7.51 -17.00 -12.76
N PRO B 24 -7.34 -17.58 -13.92
CA PRO B 24 -8.01 -17.16 -15.13
C PRO B 24 -9.49 -17.47 -15.07
N ASP B 25 -10.23 -16.70 -15.86
CA ASP B 25 -11.69 -16.74 -15.95
C ASP B 25 -12.17 -17.63 -17.02
N THR B 26 -11.27 -18.30 -17.66
CA THR B 26 -11.64 -19.12 -18.79
C THR B 26 -12.53 -20.33 -18.55
N LYS B 27 -12.34 -21.03 -17.44
CA LYS B 27 -13.12 -22.20 -17.13
C LYS B 27 -14.60 -21.91 -16.97
N PHE B 28 -14.91 -20.77 -16.40
CA PHE B 28 -16.24 -20.37 -16.07
C PHE B 28 -17.06 -19.65 -17.07
N LEU B 29 -16.51 -19.35 -18.23
CA LEU B 29 -17.26 -18.69 -19.25
C LEU B 29 -18.14 -19.68 -19.94
N LYS B 30 -19.43 -19.38 -19.98
CA LYS B 30 -20.38 -20.25 -20.58
C LYS B 30 -20.47 -20.04 -22.04
N SER B 34 -14.32 -15.57 -26.69
CA SER B 34 -14.20 -14.19 -26.26
C SER B 34 -12.83 -13.64 -26.43
N ILE B 35 -12.82 -12.32 -26.40
CA ILE B 35 -11.66 -11.49 -26.57
C ILE B 35 -10.96 -11.09 -25.26
N HIS B 36 -9.64 -11.20 -25.23
CA HIS B 36 -8.87 -10.76 -24.10
C HIS B 36 -8.04 -9.60 -24.51
N ALA B 37 -7.95 -8.59 -23.67
CA ALA B 37 -7.19 -7.40 -24.00
C ALA B 37 -6.32 -6.96 -22.87
N THR B 38 -5.24 -6.30 -23.18
CA THR B 38 -4.35 -5.77 -22.15
C THR B 38 -4.31 -4.27 -22.26
N ALA B 39 -4.45 -3.60 -21.13
CA ALA B 39 -4.56 -2.15 -21.15
C ALA B 39 -3.24 -1.52 -21.55
N THR B 40 -3.32 -0.60 -22.51
CA THR B 40 -2.18 0.19 -22.96
C THR B 40 -1.38 0.84 -21.83
N TYR B 41 -2.04 1.26 -20.74
CA TYR B 41 -1.47 2.25 -19.82
C TYR B 41 -1.67 1.83 -18.36
N GLN B 42 -0.58 1.90 -17.56
CA GLN B 42 -0.64 1.53 -16.15
C GLN B 42 -0.69 2.80 -15.31
N ASP B 43 -1.80 3.05 -14.73
CA ASP B 43 -1.93 4.30 -14.00
C ASP B 43 -1.23 4.18 -12.65
N PRO B 44 -0.62 5.28 -12.16
CA PRO B 44 0.15 5.19 -10.92
C PRO B 44 -0.69 4.90 -9.68
N SER B 45 -2.01 5.08 -9.73
CA SER B 45 -2.85 4.82 -8.58
C SER B 45 -3.14 3.35 -8.38
N LEU B 46 -2.84 2.49 -9.36
CA LEU B 46 -3.09 1.06 -9.18
C LEU B 46 -2.26 0.52 -8.02
N LEU B 47 -2.88 -0.29 -7.17
CA LEU B 47 -2.09 -0.97 -6.15
C LEU B 47 -1.39 -2.20 -6.71
N SER B 48 -1.84 -2.63 -7.87
CA SER B 48 -1.24 -3.76 -8.59
C SER B 48 -1.70 -3.88 -10.02
N THR B 49 -0.96 -4.70 -10.74
CA THR B 49 -1.17 -5.15 -12.11
C THR B 49 -2.39 -6.08 -12.19
N VAL B 50 -2.58 -6.87 -11.15
CA VAL B 50 -3.63 -7.87 -11.00
C VAL B 50 -4.77 -7.39 -10.13
N PRO B 51 -5.98 -7.40 -10.63
CA PRO B 51 -6.34 -7.99 -11.91
C PRO B 51 -6.67 -6.95 -12.95
N TYR B 52 -6.41 -5.72 -12.69
CA TYR B 52 -6.73 -4.61 -13.52
C TYR B 52 -6.17 -4.41 -14.90
N MET B 53 -4.98 -4.86 -15.12
CA MET B 53 -4.32 -4.65 -16.39
C MET B 53 -4.79 -5.40 -17.56
N THR B 54 -5.51 -6.49 -17.30
CA THR B 54 -6.09 -7.39 -18.29
C THR B 54 -7.61 -7.49 -18.22
N ALA B 55 -8.27 -7.48 -19.37
CA ALA B 55 -9.73 -7.59 -19.45
C ALA B 55 -10.36 -8.54 -20.45
N ARG B 56 -11.56 -8.98 -20.17
CA ARG B 56 -12.35 -9.69 -21.17
C ARG B 56 -13.30 -8.67 -21.77
N ILE B 57 -13.43 -8.71 -23.10
CA ILE B 57 -14.20 -7.74 -23.85
C ILE B 57 -15.40 -8.47 -24.45
N PHE B 58 -16.61 -7.98 -24.15
CA PHE B 58 -17.87 -8.52 -24.66
C PHE B 58 -18.51 -7.53 -25.63
N THR B 59 -18.75 -7.97 -26.86
CA THR B 59 -19.50 -7.18 -27.82
C THR B 59 -20.94 -7.65 -27.99
N ALA B 60 -21.23 -8.82 -27.44
CA ALA B 60 -22.57 -9.42 -27.36
C ALA B 60 -22.79 -9.80 -25.91
N PRO B 61 -23.97 -10.28 -25.57
CA PRO B 61 -24.15 -10.84 -24.23
C PRO B 61 -23.24 -12.04 -23.98
N ALA B 62 -22.80 -12.17 -22.72
CA ALA B 62 -21.93 -13.25 -22.30
C ALA B 62 -22.21 -13.60 -20.86
N THR B 63 -22.01 -14.88 -20.53
CA THR B 63 -22.39 -15.41 -19.24
C THR B 63 -21.24 -16.16 -18.60
N TYR B 64 -20.93 -15.81 -17.34
CA TYR B 64 -20.09 -16.63 -16.47
C TYR B 64 -20.99 -17.49 -15.60
N GLU B 65 -20.61 -18.74 -15.38
CA GLU B 65 -21.35 -19.57 -14.44
C GLU B 65 -20.40 -20.23 -13.45
N ILE B 66 -20.56 -19.86 -12.18
CA ILE B 66 -19.71 -20.31 -11.09
C ILE B 66 -20.51 -21.32 -10.27
N PRO B 67 -19.92 -22.43 -9.91
CA PRO B 67 -20.59 -23.37 -9.04
C PRO B 67 -20.52 -22.90 -7.59
N ILE B 68 -21.68 -22.80 -6.99
CA ILE B 68 -21.81 -22.35 -5.63
C ILE B 68 -22.81 -23.18 -4.85
N LYS B 69 -22.86 -23.00 -3.55
CA LYS B 69 -23.87 -23.63 -2.77
C LYS B 69 -24.92 -22.58 -2.69
N GLY B 70 -26.05 -22.76 -3.34
CA GLY B 70 -27.14 -21.78 -3.30
C GLY B 70 -27.90 -21.70 -1.99
N ASP B 71 -27.58 -22.58 -1.05
CA ASP B 71 -28.03 -22.51 0.33
C ASP B 71 -27.52 -21.24 1.01
N LYS B 72 -26.43 -20.67 0.52
CA LYS B 72 -25.63 -19.76 1.32
C LYS B 72 -25.51 -18.40 0.64
N ARG B 73 -25.30 -17.38 1.45
CA ARG B 73 -25.09 -16.04 0.93
C ARG B 73 -23.64 -15.85 0.47
N HIS B 74 -23.47 -15.01 -0.55
CA HIS B 74 -22.19 -14.83 -1.24
C HIS B 74 -21.84 -13.37 -1.40
N LEU B 75 -20.54 -13.09 -1.27
CA LEU B 75 -20.00 -11.76 -1.53
C LEU B 75 -19.44 -11.80 -2.94
N LEU B 76 -19.78 -10.81 -3.75
CA LEU B 76 -19.42 -10.77 -5.16
C LEU B 76 -18.76 -9.43 -5.45
N ARG B 77 -17.57 -9.45 -6.04
CA ARG B 77 -16.91 -8.21 -6.41
C ARG B 77 -16.62 -8.18 -7.90
N LEU B 78 -16.87 -7.04 -8.52
CA LEU B 78 -16.54 -6.81 -9.91
C LEU B 78 -15.50 -5.69 -9.94
N TYR B 79 -14.37 -5.96 -10.58
CA TYR B 79 -13.26 -5.02 -10.62
C TYR B 79 -13.17 -4.44 -12.01
N PHE B 80 -13.31 -3.12 -12.14
CA PHE B 80 -13.30 -2.48 -13.45
C PHE B 80 -12.15 -1.47 -13.55
N TYR B 81 -11.41 -1.53 -14.65
CA TYR B 81 -10.30 -0.62 -14.92
C TYR B 81 -10.53 0.09 -16.25
N PRO B 82 -11.24 1.20 -16.24
CA PRO B 82 -11.48 1.93 -17.51
C PRO B 82 -10.25 2.66 -17.99
N SER B 83 -9.53 2.08 -18.95
CA SER B 83 -8.27 2.65 -19.44
C SER B 83 -8.27 2.49 -20.95
N THR B 84 -7.13 2.79 -21.56
CA THR B 84 -7.02 2.68 -23.02
C THR B 84 -6.64 1.26 -23.40
N TYR B 85 -7.47 0.65 -24.25
CA TYR B 85 -7.23 -0.65 -24.84
C TYR B 85 -7.15 -0.45 -26.35
N THR B 86 -6.17 -1.11 -26.98
CA THR B 86 -6.06 -1.13 -28.44
C THR B 86 -7.37 -1.41 -29.14
N GLY B 87 -7.71 -0.56 -30.12
CA GLY B 87 -8.89 -0.69 -30.95
C GLY B 87 -10.23 -0.52 -30.27
N LEU B 88 -10.25 -0.10 -29.01
CA LEU B 88 -11.47 0.21 -28.27
C LEU B 88 -11.43 1.65 -27.81
N ASN B 89 -12.58 2.33 -27.89
CA ASN B 89 -12.79 3.62 -27.27
C ASN B 89 -13.61 3.35 -26.01
N ILE B 90 -12.98 3.46 -24.84
CA ILE B 90 -13.63 3.05 -23.61
C ILE B 90 -14.83 3.95 -23.30
N SER B 91 -14.91 5.12 -23.95
CA SER B 91 -16.08 5.97 -23.86
C SER B 91 -17.30 5.40 -24.58
N ASN B 92 -17.14 4.30 -25.34
CA ASN B 92 -18.26 3.59 -25.94
C ASN B 92 -18.81 2.49 -25.05
N SER B 93 -18.28 2.30 -23.85
CA SER B 93 -18.69 1.17 -23.02
C SER B 93 -19.89 1.57 -22.19
N TYR B 94 -21.02 0.95 -22.49
CA TYR B 94 -22.23 1.02 -21.68
C TYR B 94 -22.78 -0.40 -21.62
N PHE B 95 -23.00 -0.93 -20.42
CA PHE B 95 -23.50 -2.28 -20.36
C PHE B 95 -24.20 -2.49 -19.04
N THR B 96 -24.86 -3.65 -18.96
CA THR B 96 -25.61 -4.14 -17.81
C THR B 96 -24.94 -5.38 -17.26
N VAL B 97 -25.05 -5.60 -15.96
CA VAL B 97 -24.60 -6.84 -15.34
C VAL B 97 -25.70 -7.34 -14.43
N GLU B 98 -25.98 -8.65 -14.52
CA GLU B 98 -26.95 -9.31 -13.65
C GLU B 98 -26.30 -10.51 -13.00
N ALA B 99 -26.62 -10.72 -11.73
CA ALA B 99 -26.20 -11.91 -10.99
C ALA B 99 -27.45 -12.71 -10.71
N ASN B 100 -27.58 -13.85 -11.38
CA ASN B 100 -28.83 -14.58 -11.44
C ASN B 100 -30.01 -13.66 -11.73
N ASP B 101 -30.88 -13.49 -10.76
CA ASP B 101 -32.10 -12.72 -10.92
C ASP B 101 -31.96 -11.26 -10.51
N VAL B 102 -30.83 -10.87 -9.99
CA VAL B 102 -30.64 -9.53 -9.47
C VAL B 102 -29.91 -8.67 -10.50
N THR B 103 -30.33 -7.43 -10.63
CA THR B 103 -29.69 -6.50 -11.56
C THR B 103 -28.72 -5.64 -10.77
N LEU B 104 -27.43 -5.73 -11.12
CA LEU B 104 -26.37 -5.01 -10.41
C LEU B 104 -26.08 -3.67 -11.04
N LEU B 105 -25.88 -3.63 -12.37
CA LEU B 105 -25.46 -2.44 -13.07
C LEU B 105 -26.28 -2.26 -14.34
N SER B 106 -26.49 -1.02 -14.73
CA SER B 106 -27.34 -0.73 -15.89
C SER B 106 -26.93 0.61 -16.47
N ASN B 107 -26.85 0.66 -17.80
CA ASN B 107 -26.29 1.81 -18.51
C ASN B 107 -25.02 2.28 -17.82
N PHE B 108 -24.22 1.32 -17.35
CA PHE B 108 -23.09 1.61 -16.49
C PHE B 108 -21.91 2.06 -17.33
N SER B 109 -21.36 3.24 -17.01
CA SER B 109 -20.15 3.75 -17.64
C SER B 109 -19.04 3.74 -16.59
N ALA B 110 -18.09 2.81 -16.73
CA ALA B 110 -16.94 2.85 -15.83
C ALA B 110 -16.14 4.12 -16.04
N ALA B 111 -16.11 4.63 -17.28
CA ALA B 111 -15.34 5.81 -17.62
C ALA B 111 -15.90 7.07 -16.94
N ILE B 112 -17.20 7.32 -17.07
CA ILE B 112 -17.76 8.52 -16.44
C ILE B 112 -17.73 8.41 -14.93
N THR B 113 -17.96 7.21 -14.39
CA THR B 113 -17.98 7.06 -12.93
C THR B 113 -16.63 7.38 -12.33
N CYS B 114 -15.57 6.87 -12.95
CA CYS B 114 -14.23 7.13 -12.44
C CYS B 114 -13.87 8.61 -12.54
N GLN B 115 -14.32 9.29 -13.60
CA GLN B 115 -13.91 10.69 -13.75
C GLN B 115 -14.59 11.56 -12.71
N ALA B 116 -15.79 11.18 -12.27
CA ALA B 116 -16.40 11.89 -11.16
C ALA B 116 -15.66 11.60 -9.84
N LEU B 117 -15.37 10.33 -9.58
CA LEU B 117 -14.77 10.04 -8.29
C LEU B 117 -13.27 10.21 -8.28
N THR B 118 -12.68 10.72 -9.37
CA THR B 118 -11.23 10.93 -9.41
C THR B 118 -10.52 9.65 -9.02
N GLN B 119 -10.99 8.54 -9.57
CA GLN B 119 -10.37 7.26 -9.30
C GLN B 119 -9.84 6.69 -10.60
N ALA B 120 -8.91 5.75 -10.45
CA ALA B 120 -8.36 5.05 -11.60
C ALA B 120 -9.06 3.74 -11.87
N TYR B 121 -9.78 3.21 -10.88
CA TYR B 121 -10.40 1.89 -10.98
C TYR B 121 -11.61 1.84 -10.04
N LEU B 122 -12.52 0.91 -10.31
CA LEU B 122 -13.70 0.71 -9.48
C LEU B 122 -13.72 -0.71 -8.97
N VAL B 123 -14.26 -0.89 -7.77
CA VAL B 123 -14.61 -2.21 -7.29
C VAL B 123 -16.06 -2.12 -6.82
N LYS B 124 -16.96 -2.80 -7.51
CA LYS B 124 -18.36 -2.81 -7.13
C LYS B 124 -18.60 -4.13 -6.41
N GLU B 125 -19.00 -4.07 -5.15
CA GLU B 125 -19.18 -5.27 -4.38
C GLU B 125 -20.63 -5.44 -3.98
N TYR B 126 -21.06 -6.69 -3.87
CA TYR B 126 -22.47 -6.99 -3.61
C TYR B 126 -22.53 -8.13 -2.62
N SER B 127 -23.66 -8.24 -1.93
CA SER B 127 -23.93 -9.43 -1.13
C SER B 127 -25.25 -10.03 -1.58
N LEU B 128 -25.18 -11.16 -2.20
CA LEU B 128 -26.33 -11.80 -2.73
C LEU B 128 -26.87 -12.87 -1.87
N ALA B 129 -28.18 -12.86 -1.74
CA ALA B 129 -28.90 -13.80 -0.91
C ALA B 129 -28.92 -15.21 -1.44
N PRO B 130 -29.24 -16.14 -0.56
CA PRO B 130 -29.31 -17.54 -0.90
C PRO B 130 -30.28 -17.69 -2.01
N THR B 131 -29.90 -18.42 -3.03
CA THR B 131 -30.74 -18.48 -4.23
C THR B 131 -31.51 -19.71 -4.46
N ASP B 132 -31.09 -20.79 -3.84
CA ASP B 132 -31.60 -22.12 -4.05
C ASP B 132 -31.36 -22.61 -5.50
N LYS B 133 -30.26 -22.16 -6.07
CA LYS B 133 -29.79 -22.46 -7.37
C LYS B 133 -28.35 -22.75 -7.20
N ASP B 134 -27.97 -23.85 -7.82
CA ASP B 134 -26.68 -24.47 -7.83
C ASP B 134 -25.53 -23.69 -8.40
N VAL B 135 -25.83 -22.78 -9.32
CA VAL B 135 -24.85 -21.99 -10.05
C VAL B 135 -25.13 -20.52 -10.03
N LEU B 136 -24.12 -19.68 -9.95
CA LEU B 136 -24.33 -18.25 -10.07
C LEU B 136 -23.94 -17.80 -11.46
N SER B 137 -24.87 -17.20 -12.19
CA SER B 137 -24.59 -16.77 -13.53
C SER B 137 -24.51 -15.32 -13.55
N ILE B 138 -23.43 -14.78 -14.08
CA ILE B 138 -23.31 -13.38 -14.20
C ILE B 138 -23.42 -13.12 -15.65
N LYS B 139 -24.37 -12.30 -16.07
CA LYS B 139 -24.58 -11.99 -17.47
C LYS B 139 -24.23 -10.53 -17.75
N PHE B 140 -23.31 -10.31 -18.69
CA PHE B 140 -22.90 -8.98 -19.15
C PHE B 140 -23.59 -8.68 -20.48
N THR B 141 -24.31 -7.57 -20.54
CA THR B 141 -25.13 -7.21 -21.70
C THR B 141 -24.74 -5.82 -22.15
N PRO B 142 -24.01 -5.68 -23.26
CA PRO B 142 -23.73 -4.35 -23.81
C PRO B 142 -25.01 -3.63 -24.20
N SER B 143 -25.01 -2.31 -24.04
CA SER B 143 -26.16 -1.47 -24.30
C SER B 143 -26.58 -1.50 -25.74
N ASP B 144 -27.86 -1.66 -26.00
CA ASP B 144 -28.38 -1.55 -27.36
C ASP B 144 -28.81 -0.13 -27.69
N LYS B 145 -28.51 0.83 -26.83
CA LYS B 145 -28.87 2.22 -27.04
C LYS B 145 -27.70 3.07 -27.53
N TYR B 146 -26.50 2.48 -27.69
CA TYR B 146 -25.35 3.13 -28.31
C TYR B 146 -24.78 2.25 -29.41
N ARG B 147 -24.32 2.88 -30.51
CA ARG B 147 -24.05 2.10 -31.71
C ARG B 147 -22.87 1.14 -31.50
N ASP B 148 -21.78 1.58 -30.85
CA ASP B 148 -20.59 0.71 -30.72
C ASP B 148 -20.37 0.19 -29.31
N ALA B 149 -21.45 -0.09 -28.58
CA ALA B 149 -21.30 -0.52 -27.19
C ALA B 149 -20.48 -1.81 -27.09
N PHE B 150 -19.79 -1.95 -25.95
CA PHE B 150 -19.20 -3.22 -25.56
C PHE B 150 -19.18 -3.25 -24.04
N ALA B 151 -19.11 -4.45 -23.47
CA ALA B 151 -18.90 -4.65 -22.04
C ALA B 151 -17.49 -5.15 -21.75
N PHE B 152 -16.99 -4.87 -20.55
CA PHE B 152 -15.68 -5.36 -20.15
C PHE B 152 -15.65 -5.64 -18.65
N ILE B 153 -14.69 -6.49 -18.23
CA ILE B 153 -14.51 -6.87 -16.83
C ILE B 153 -13.07 -7.32 -16.55
N ASN B 154 -12.47 -6.78 -15.48
CA ASN B 154 -11.09 -7.10 -15.16
C ASN B 154 -10.95 -8.21 -14.14
N GLY B 155 -11.94 -8.43 -13.31
CA GLY B 155 -11.81 -9.40 -12.24
C GLY B 155 -13.15 -9.65 -11.57
N ILE B 156 -13.36 -10.89 -11.13
CA ILE B 156 -14.55 -11.28 -10.41
C ILE B 156 -14.12 -12.12 -9.21
N GLU B 157 -14.59 -11.79 -8.01
CA GLU B 157 -14.41 -12.69 -6.88
C GLU B 157 -15.77 -13.16 -6.40
N VAL B 158 -15.84 -14.41 -5.94
CA VAL B 158 -17.05 -14.95 -5.35
C VAL B 158 -16.66 -15.60 -4.04
N ILE B 159 -17.10 -15.03 -2.93
CA ILE B 159 -16.73 -15.47 -1.58
C ILE B 159 -18.00 -15.82 -0.83
N GLN B 160 -18.08 -17.04 -0.34
CA GLN B 160 -19.18 -17.45 0.52
C GLN B 160 -19.00 -16.84 1.90
N MET B 161 -20.08 -16.32 2.47
CA MET B 161 -20.07 -15.60 3.73
C MET B 161 -21.23 -16.03 4.60
N PRO B 162 -21.12 -15.81 5.96
CA PRO B 162 -22.22 -16.23 6.86
C PRO B 162 -23.43 -15.32 6.73
N GLU B 163 -24.51 -15.63 7.45
CA GLU B 163 -25.68 -14.76 7.38
C GLU B 163 -25.53 -13.63 8.38
N LEU B 164 -24.81 -12.59 7.96
CA LEU B 164 -24.48 -11.46 8.82
C LEU B 164 -25.50 -10.34 8.79
N PHE B 165 -26.63 -10.53 8.13
CA PHE B 165 -27.71 -9.55 8.11
C PHE B 165 -28.95 -10.17 8.72
N ASP B 166 -29.66 -9.40 9.54
CA ASP B 166 -30.84 -9.98 10.11
C ASP B 166 -31.97 -8.96 10.11
N THR B 167 -31.88 -7.93 10.93
CA THR B 167 -32.96 -6.95 10.97
C THR B 167 -32.35 -5.58 11.22
N ALA B 168 -33.06 -4.54 10.76
CA ALA B 168 -32.67 -3.15 10.92
C ALA B 168 -33.89 -2.34 11.37
N ALA B 169 -33.65 -1.29 12.14
CA ALA B 169 -34.69 -0.41 12.65
C ALA B 169 -34.99 0.68 11.63
N LEU B 170 -36.27 0.98 11.44
CA LEU B 170 -36.66 2.03 10.51
C LEU B 170 -36.70 3.35 11.25
N VAL B 171 -35.92 4.34 10.76
CA VAL B 171 -35.57 5.45 11.64
C VAL B 171 -36.78 6.34 11.91
N GLY B 172 -37.67 6.50 10.93
CA GLY B 172 -38.77 7.40 11.16
C GLY B 172 -39.67 7.02 12.35
N PHE B 173 -39.68 5.75 12.73
CA PHE B 173 -40.83 5.22 13.41
C PHE B 173 -40.45 4.51 14.71
N THR B 174 -41.45 4.35 15.57
CA THR B 174 -41.25 3.75 16.89
C THR B 174 -41.00 2.25 16.80
N ASP B 175 -41.93 1.51 16.17
CA ASP B 175 -41.99 0.06 16.32
C ASP B 175 -41.55 -0.70 15.06
N GLN B 176 -41.20 0.01 13.98
CA GLN B 176 -40.98 -0.62 12.69
C GLN B 176 -39.57 -1.20 12.54
N THR B 177 -39.50 -2.51 12.31
CA THR B 177 -38.25 -3.20 12.03
C THR B 177 -38.34 -3.79 10.63
N MET B 178 -37.19 -3.96 9.99
CA MET B 178 -37.10 -4.54 8.66
C MET B 178 -36.30 -5.84 8.67
N ASP B 179 -36.68 -6.76 7.80
CA ASP B 179 -35.99 -8.03 7.63
C ASP B 179 -34.98 -7.90 6.48
N ALA B 180 -33.73 -8.28 6.74
CA ALA B 180 -32.70 -8.20 5.71
C ALA B 180 -32.00 -9.52 5.42
N LYS B 181 -32.50 -10.66 5.90
CA LYS B 181 -31.79 -11.92 5.65
C LYS B 181 -32.01 -12.46 4.24
N THR B 182 -33.02 -12.01 3.53
CA THR B 182 -33.20 -12.43 2.16
C THR B 182 -32.99 -11.27 1.18
N ALA B 183 -32.23 -10.25 1.59
CA ALA B 183 -32.05 -9.04 0.82
C ALA B 183 -30.76 -9.08 0.00
N ASN B 184 -30.79 -8.43 -1.15
CA ASN B 184 -29.61 -8.29 -1.98
C ASN B 184 -29.03 -6.90 -1.78
N LEU B 185 -27.76 -6.85 -1.42
CA LEU B 185 -27.16 -5.60 -0.98
C LEU B 185 -25.95 -5.21 -1.81
N GLN B 186 -25.75 -3.90 -1.93
CA GLN B 186 -24.52 -3.32 -2.44
C GLN B 186 -23.84 -2.56 -1.31
N SER B 187 -22.56 -2.82 -1.10
CA SER B 187 -21.78 -2.07 -0.12
C SER B 187 -21.46 -0.71 -0.69
N MET B 188 -21.91 0.35 -0.03
CA MET B 188 -21.66 1.68 -0.57
C MET B 188 -20.43 2.32 0.04
N PHE B 189 -20.29 2.26 1.36
CA PHE B 189 -19.14 2.76 2.11
C PHE B 189 -18.84 1.77 3.23
N ARG B 190 -17.55 1.53 3.47
CA ARG B 190 -17.14 0.69 4.59
C ARG B 190 -15.97 1.38 5.28
N LEU B 191 -16.24 1.96 6.46
CA LEU B 191 -15.34 2.90 7.12
C LEU B 191 -14.82 2.36 8.44
N ASN B 192 -13.54 2.60 8.71
CA ASN B 192 -12.95 2.48 10.05
C ASN B 192 -12.88 3.86 10.69
N VAL B 193 -13.89 4.21 11.49
CA VAL B 193 -14.00 5.56 12.02
C VAL B 193 -12.96 5.77 13.09
N GLY B 194 -12.17 6.84 12.95
CA GLY B 194 -11.11 7.08 13.89
C GLY B 194 -9.90 6.20 13.72
N GLY B 195 -9.84 5.42 12.63
CA GLY B 195 -8.78 4.46 12.44
C GLY B 195 -8.15 4.65 11.07
N GLN B 196 -7.11 3.86 10.82
CA GLN B 196 -6.44 3.85 9.53
C GLN B 196 -7.09 2.83 8.60
N ASP B 197 -6.78 2.92 7.30
CA ASP B 197 -7.35 1.96 6.35
C ASP B 197 -6.88 0.56 6.69
N ILE B 198 -7.78 -0.40 6.52
CA ILE B 198 -7.49 -1.80 6.80
C ILE B 198 -7.58 -2.55 5.48
N PRO B 199 -6.49 -3.11 4.98
CA PRO B 199 -6.54 -3.82 3.69
C PRO B 199 -7.22 -5.17 3.84
N GLY B 200 -7.77 -5.67 2.72
CA GLY B 200 -8.57 -6.89 2.78
C GLY B 200 -7.84 -8.06 3.43
N SER B 201 -6.51 -8.09 3.29
CA SER B 201 -5.70 -9.15 3.87
C SER B 201 -5.70 -9.12 5.39
N GLN B 202 -6.18 -8.02 6.00
CA GLN B 202 -6.30 -7.87 7.45
C GLN B 202 -7.75 -7.95 7.94
N ASP B 203 -8.68 -8.44 7.14
CA ASP B 203 -10.08 -8.41 7.52
C ASP B 203 -10.55 -9.77 8.05
N SER B 204 -11.64 -9.73 8.78
CA SER B 204 -12.25 -10.88 9.44
C SER B 204 -12.77 -11.93 8.46
N GLY B 205 -12.90 -13.15 8.95
CA GLY B 205 -13.62 -14.19 8.25
C GLY B 205 -13.16 -14.52 6.84
N GLY B 206 -11.95 -14.12 6.46
CA GLY B 206 -11.48 -14.38 5.13
C GLY B 206 -12.30 -13.71 4.05
N LEU B 207 -12.94 -12.60 4.37
CA LEU B 207 -13.77 -11.91 3.38
C LEU B 207 -12.99 -10.86 2.61
N THR B 208 -11.83 -10.46 3.12
CA THR B 208 -10.96 -9.49 2.45
C THR B 208 -11.71 -8.21 2.07
N ARG B 209 -12.53 -7.72 2.98
CA ARG B 209 -13.09 -6.38 2.81
C ARG B 209 -12.03 -5.35 3.20
N THR B 210 -12.13 -4.16 2.61
CA THR B 210 -11.32 -3.01 3.00
C THR B 210 -12.16 -2.03 3.81
N TRP B 211 -11.63 -1.59 4.94
CA TRP B 211 -12.25 -0.58 5.79
C TRP B 211 -11.43 0.70 5.64
N TYR B 212 -12.08 1.77 5.22
CA TYR B 212 -11.39 3.02 4.93
C TYR B 212 -11.50 4.00 6.09
N ASN B 213 -10.52 4.89 6.16
CA ASN B 213 -10.57 6.00 7.09
C ASN B 213 -11.78 6.87 6.80
N ASP B 214 -12.39 7.43 7.85
CA ASP B 214 -13.66 8.15 7.69
C ASP B 214 -13.49 9.66 7.51
N ALA B 215 -12.29 10.20 7.73
CA ALA B 215 -12.09 11.64 7.70
C ALA B 215 -12.66 12.35 6.48
N PRO B 216 -12.60 11.81 5.25
CA PRO B 216 -13.15 12.53 4.09
C PRO B 216 -14.65 12.73 4.10
N TYR B 217 -15.39 12.19 5.08
CA TYR B 217 -16.84 12.25 5.03
C TYR B 217 -17.46 13.17 6.06
N ILE B 218 -16.64 13.93 6.80
CA ILE B 218 -17.12 14.81 7.86
C ILE B 218 -17.51 16.15 7.26
N PHE B 219 -18.77 16.52 7.44
CA PHE B 219 -19.25 17.81 6.96
C PHE B 219 -19.25 18.86 8.05
N SER B 220 -19.24 18.44 9.31
CA SER B 220 -19.22 19.37 10.43
C SER B 220 -17.86 20.07 10.53
N ALA B 221 -17.88 21.31 11.05
CA ALA B 221 -16.65 22.10 11.13
C ALA B 221 -15.54 21.36 11.85
N GLY B 222 -15.85 20.83 13.04
CA GLY B 222 -14.83 20.12 13.82
C GLY B 222 -14.65 18.69 13.34
N LEU B 223 -13.40 18.24 13.37
CA LEU B 223 -13.12 16.85 13.04
C LEU B 223 -13.06 15.95 14.29
N GLY B 224 -13.56 16.43 15.41
CA GLY B 224 -13.67 15.60 16.60
C GLY B 224 -12.35 15.32 17.29
N VAL B 225 -12.35 14.28 18.13
CA VAL B 225 -11.16 13.79 18.78
C VAL B 225 -11.12 12.28 18.65
N THR B 226 -10.09 11.76 17.99
CA THR B 226 -9.98 10.33 17.77
C THR B 226 -9.42 9.65 19.00
N LEU B 227 -9.92 8.44 19.27
CA LEU B 227 -9.52 7.67 20.43
C LEU B 227 -8.94 6.33 19.99
N GLN B 228 -8.04 5.81 20.80
CA GLN B 228 -7.37 4.57 20.47
C GLN B 228 -7.13 3.77 21.73
N ALA B 229 -7.40 2.49 21.67
CA ALA B 229 -7.09 1.63 22.78
C ALA B 229 -5.62 1.20 22.71
N SER B 230 -5.06 0.91 23.90
CA SER B 230 -3.74 0.32 24.01
C SER B 230 -3.69 -1.00 23.24
N ASN B 231 -2.52 -1.32 22.68
CA ASN B 231 -2.49 -2.48 21.78
C ASN B 231 -2.36 -3.80 22.52
N ASN B 232 -2.32 -3.78 23.85
CA ASN B 232 -2.55 -4.97 24.65
C ASN B 232 -4.03 -5.21 24.90
N PHE B 233 -4.87 -4.27 24.49
CA PHE B 233 -6.31 -4.34 24.70
C PHE B 233 -6.94 -5.42 23.87
N ARG B 234 -7.71 -6.28 24.50
CA ARG B 234 -8.32 -7.37 23.83
C ARG B 234 -9.80 -7.20 23.74
N ILE B 235 -10.35 -7.39 22.57
CA ILE B 235 -11.76 -7.25 22.35
C ILE B 235 -12.50 -8.54 22.59
N ASN B 236 -13.46 -8.53 23.49
CA ASN B 236 -14.22 -9.71 23.81
C ASN B 236 -15.45 -9.78 22.92
N TYR B 237 -15.34 -10.51 21.83
CA TYR B 237 -16.41 -10.71 20.88
C TYR B 237 -17.59 -11.45 21.42
N GLN B 238 -17.30 -12.46 22.24
CA GLN B 238 -18.23 -13.39 22.86
C GLN B 238 -18.91 -14.22 21.84
N ASN B 239 -20.23 -14.22 21.77
CA ASN B 239 -20.86 -15.01 20.74
C ASN B 239 -21.03 -14.28 19.45
N MET B 240 -20.66 -13.02 19.38
CA MET B 240 -20.74 -12.30 18.14
C MET B 240 -19.77 -12.92 17.20
N PRO B 241 -20.18 -13.11 15.96
CA PRO B 241 -19.30 -13.72 14.98
C PRO B 241 -18.15 -12.83 14.68
N VAL B 242 -17.00 -13.42 14.43
CA VAL B 242 -15.82 -12.66 14.11
C VAL B 242 -15.83 -11.96 12.78
N SER B 243 -16.64 -12.44 11.86
CA SER B 243 -16.79 -11.91 10.54
C SER B 243 -17.42 -10.58 10.43
N ILE B 244 -18.12 -10.13 11.44
CA ILE B 244 -18.82 -8.88 11.41
C ILE B 244 -17.88 -7.77 11.11
N ALA B 245 -16.77 -7.72 11.81
CA ALA B 245 -15.68 -6.79 11.60
C ALA B 245 -14.45 -7.26 12.30
N PRO B 246 -13.30 -6.79 11.87
CA PRO B 246 -12.02 -7.10 12.47
C PRO B 246 -11.84 -6.33 13.75
N ALA B 247 -11.06 -6.84 14.67
CA ALA B 247 -10.89 -6.16 15.94
C ALA B 247 -10.29 -4.82 15.83
N ASP B 248 -9.55 -4.56 14.78
CA ASP B 248 -8.96 -3.28 14.59
C ASP B 248 -9.97 -2.17 14.44
N ILE B 249 -11.19 -2.48 14.01
CA ILE B 249 -12.30 -1.53 13.96
C ILE B 249 -12.64 -1.06 15.36
N TYR B 250 -12.74 -2.01 16.29
CA TYR B 250 -13.25 -1.73 17.62
C TYR B 250 -12.21 -1.06 18.54
N LYS B 251 -10.91 -1.10 18.19
CA LYS B 251 -9.84 -0.50 18.99
C LYS B 251 -9.53 0.94 18.62
N THR B 252 -10.34 1.57 17.78
CA THR B 252 -10.26 3.01 17.57
C THR B 252 -11.67 3.54 17.36
N ALA B 253 -11.87 4.79 17.78
CA ALA B 253 -13.12 5.50 17.68
C ALA B 253 -12.87 6.97 17.38
N ARG B 254 -13.87 7.65 16.86
CA ARG B 254 -13.84 9.10 16.77
C ARG B 254 -14.97 9.69 17.60
N SER B 255 -14.64 10.66 18.44
CA SER B 255 -15.62 11.19 19.36
C SER B 255 -15.70 12.70 19.17
N GLN B 256 -16.55 13.32 19.99
CA GLN B 256 -16.66 14.77 19.89
C GLN B 256 -15.57 15.45 20.68
N GLY B 257 -15.33 15.02 21.89
CA GLY B 257 -14.31 15.66 22.68
C GLY B 257 -14.60 15.84 24.14
N PRO B 258 -13.70 16.51 24.82
CA PRO B 258 -13.83 16.67 26.26
C PRO B 258 -14.60 17.86 26.73
N ASN B 259 -15.00 18.76 25.88
CA ASN B 259 -15.77 19.88 26.34
C ASN B 259 -17.21 19.65 26.11
N GLY B 260 -17.90 19.24 27.15
CA GLY B 260 -19.30 18.94 27.13
C GLY B 260 -20.24 20.03 26.78
N ASP B 261 -19.97 21.25 27.23
CA ASP B 261 -20.78 22.43 26.98
C ASP B 261 -20.81 22.67 25.51
N ILE B 262 -19.66 22.60 24.88
CA ILE B 262 -19.53 22.73 23.45
C ILE B 262 -20.09 21.54 22.65
N ASN B 263 -19.96 20.33 23.19
CA ASN B 263 -20.45 19.13 22.53
C ASN B 263 -21.90 19.16 22.35
N LEU B 264 -22.63 19.63 23.35
CA LEU B 264 -24.09 19.71 23.36
C LEU B 264 -24.69 20.59 22.33
N LYS B 265 -23.96 21.61 21.96
CA LYS B 265 -24.31 22.58 20.97
C LYS B 265 -23.93 22.18 19.55
N SER B 266 -23.42 20.99 19.38
CA SER B 266 -23.01 20.50 18.07
C SER B 266 -23.40 19.09 17.82
N ASN B 267 -23.34 18.73 16.56
CA ASN B 267 -23.55 17.38 16.08
C ASN B 267 -22.24 16.97 15.41
N LEU B 268 -21.87 15.71 15.52
CA LEU B 268 -20.70 15.16 14.84
C LEU B 268 -21.32 14.64 13.59
N THR B 269 -20.86 15.06 12.43
CA THR B 269 -21.65 14.83 11.22
C THR B 269 -20.82 14.18 10.10
N TRP B 270 -21.27 13.00 9.66
CA TRP B 270 -20.79 12.36 8.45
C TRP B 270 -21.88 12.48 7.38
N MET B 271 -21.50 12.64 6.11
CA MET B 271 -22.53 12.64 5.07
C MET B 271 -21.99 12.00 3.79
N PHE B 272 -22.87 11.32 3.06
CA PHE B 272 -22.43 10.41 2.00
C PHE B 272 -23.28 10.57 0.74
N GLN B 273 -22.64 10.40 -0.41
CA GLN B 273 -23.33 10.45 -1.69
C GLN B 273 -23.84 9.06 -2.05
N ILE B 274 -25.16 8.95 -2.31
CA ILE B 274 -25.79 7.67 -2.62
C ILE B 274 -26.77 7.85 -3.77
N ASP B 275 -27.44 6.75 -4.14
CA ASP B 275 -28.40 6.67 -5.25
C ASP B 275 -29.82 6.85 -4.72
N LYS B 276 -30.55 7.76 -5.32
CA LYS B 276 -31.94 8.01 -4.94
C LYS B 276 -32.81 6.81 -5.34
N ASN B 277 -33.96 6.69 -4.68
CA ASN B 277 -34.97 5.66 -4.92
C ASN B 277 -34.57 4.29 -4.38
N PHE B 278 -33.79 4.25 -3.30
CA PHE B 278 -33.45 2.99 -2.64
C PHE B 278 -33.54 3.15 -1.14
N THR B 279 -33.72 2.01 -0.47
CA THR B 279 -33.53 1.94 0.97
C THR B 279 -32.10 1.54 1.30
N TYR B 280 -31.52 2.19 2.31
CA TYR B 280 -30.17 1.88 2.76
C TYR B 280 -30.20 1.36 4.19
N ILE B 281 -29.26 0.48 4.51
CA ILE B 281 -29.02 0.04 5.87
C ILE B 281 -27.70 0.67 6.30
N LEU B 282 -27.72 1.36 7.43
CA LEU B 282 -26.55 1.87 8.10
C LEU B 282 -26.22 0.90 9.21
N ARG B 283 -25.04 0.33 9.18
CA ARG B 283 -24.56 -0.51 10.25
C ARG B 283 -23.53 0.30 11.02
N LEU B 284 -23.85 0.63 12.27
CA LEU B 284 -22.95 1.37 13.13
C LEU B 284 -22.29 0.40 14.10
N HIS B 285 -20.95 0.38 14.11
CA HIS B 285 -20.15 -0.46 15.00
C HIS B 285 -19.75 0.29 16.27
N PHE B 286 -19.69 -0.43 17.39
CA PHE B 286 -19.35 0.19 18.65
C PHE B 286 -18.50 -0.74 19.50
N CYS B 287 -17.59 -0.16 20.26
CA CYS B 287 -16.97 -0.83 21.39
C CYS B 287 -16.45 0.27 22.29
N GLU B 288 -16.78 0.20 23.58
CA GLU B 288 -16.29 1.17 24.54
C GLU B 288 -15.03 0.59 25.18
N PHE B 289 -13.88 1.26 24.95
CA PHE B 289 -12.60 0.87 25.55
C PHE B 289 -12.04 1.94 26.49
N GLN B 290 -12.80 2.95 26.88
CA GLN B 290 -12.30 3.89 27.86
C GLN B 290 -13.15 3.90 29.12
N LEU B 291 -14.45 4.16 28.99
CA LEU B 291 -15.34 4.16 30.12
C LEU B 291 -15.66 2.72 30.51
N SER B 292 -16.32 2.56 31.66
CA SER B 292 -16.61 1.23 32.18
C SER B 292 -18.04 1.01 32.66
N LYS B 293 -18.89 2.03 32.73
CA LYS B 293 -20.25 1.82 33.27
C LYS B 293 -21.33 2.58 32.52
N ILE B 294 -22.57 2.10 32.73
CA ILE B 294 -23.79 2.73 32.24
C ILE B 294 -23.93 4.17 32.74
N ASN B 295 -24.41 5.02 31.85
CA ASN B 295 -24.65 6.44 32.15
C ASN B 295 -23.36 7.23 32.37
N GLN B 296 -22.26 6.79 31.77
CA GLN B 296 -21.08 7.63 31.65
C GLN B 296 -21.07 8.40 30.33
N LYS B 297 -21.48 7.77 29.23
CA LYS B 297 -21.60 8.46 27.96
C LYS B 297 -22.93 8.06 27.34
N VAL B 298 -23.75 9.06 27.00
CA VAL B 298 -25.10 8.86 26.49
C VAL B 298 -25.37 9.90 25.41
N PHE B 299 -25.80 9.45 24.23
CA PHE B 299 -25.85 10.34 23.08
C PHE B 299 -26.94 9.94 22.10
N ASN B 300 -27.27 10.88 21.22
CA ASN B 300 -28.34 10.73 20.24
C ASN B 300 -27.76 10.46 18.87
N ILE B 301 -28.53 9.71 18.09
CA ILE B 301 -28.19 9.37 16.72
C ILE B 301 -29.33 9.72 15.78
N TYR B 302 -29.03 10.42 14.71
CA TYR B 302 -30.03 10.78 13.75
C TYR B 302 -29.60 10.42 12.38
N ILE B 303 -30.49 9.93 11.54
CA ILE B 303 -30.15 9.64 10.16
C ILE B 303 -31.10 10.43 9.30
N ASN B 304 -30.58 11.21 8.40
CA ASN B 304 -31.35 12.10 7.50
C ASN B 304 -32.45 12.87 8.23
N ASN B 305 -32.02 13.68 9.21
CA ASN B 305 -32.88 14.58 9.98
C ASN B 305 -33.98 13.85 10.73
N ARG B 306 -33.85 12.53 10.90
CA ARG B 306 -34.79 11.75 11.69
C ARG B 306 -34.04 10.98 12.77
N THR B 307 -34.80 10.60 13.79
CA THR B 307 -34.26 9.99 14.99
C THR B 307 -33.91 8.53 14.75
N ALA B 308 -32.65 8.19 14.92
CA ALA B 308 -32.32 6.78 15.00
C ALA B 308 -32.33 6.31 16.43
N GLN B 309 -31.75 7.09 17.33
CA GLN B 309 -31.81 6.74 18.75
C GLN B 309 -31.76 8.03 19.53
N ALA B 310 -32.84 8.35 20.23
CA ALA B 310 -32.95 9.62 20.91
C ALA B 310 -34.07 9.52 21.96
N ASP B 311 -34.69 10.66 22.28
CA ASP B 311 -35.75 10.71 23.27
C ASP B 311 -35.31 9.98 24.55
N THR B 312 -36.08 8.99 25.00
CA THR B 312 -35.80 8.32 26.26
C THR B 312 -34.97 7.07 26.06
N THR B 313 -34.64 6.74 24.83
CA THR B 313 -33.87 5.53 24.51
C THR B 313 -32.70 5.94 23.64
N PRO B 314 -31.76 6.70 24.20
CA PRO B 314 -30.58 7.10 23.44
C PRO B 314 -29.54 5.99 23.51
N ALA B 315 -28.46 6.17 22.76
CA ALA B 315 -27.41 5.17 22.73
C ALA B 315 -26.56 5.25 24.00
N ASP B 316 -26.25 4.11 24.56
CA ASP B 316 -25.28 3.99 25.65
C ASP B 316 -24.55 2.67 25.43
N ILE B 317 -23.27 2.72 25.04
CA ILE B 317 -22.61 1.51 24.57
C ILE B 317 -22.56 0.47 25.67
N ILE B 318 -22.04 0.84 26.84
CA ILE B 318 -22.02 -0.11 27.94
C ILE B 318 -23.43 -0.39 28.45
N GLY B 319 -24.36 0.55 28.25
CA GLY B 319 -25.76 0.23 28.47
C GLY B 319 -26.23 -0.95 27.67
N TRP B 320 -25.81 -1.03 26.42
CA TRP B 320 -26.16 -2.14 25.54
C TRP B 320 -25.28 -3.36 25.82
N THR B 321 -23.98 -3.15 25.95
CA THR B 321 -23.01 -4.24 25.98
C THR B 321 -22.76 -4.80 27.39
N GLY B 322 -22.83 -3.96 28.42
CA GLY B 322 -22.69 -4.39 29.80
C GLY B 322 -21.28 -4.42 30.34
N GLU B 323 -20.26 -4.28 29.49
CA GLU B 323 -18.89 -4.43 29.97
C GLU B 323 -17.98 -3.74 28.98
N LYS B 324 -16.86 -3.26 29.49
CA LYS B 324 -15.88 -2.62 28.64
C LYS B 324 -15.20 -3.65 27.75
N GLY B 325 -14.95 -3.26 26.50
CA GLY B 325 -14.23 -4.07 25.52
C GLY B 325 -15.07 -5.06 24.75
N ILE B 326 -16.39 -5.01 24.84
CA ILE B 326 -17.27 -5.92 24.12
C ILE B 326 -17.80 -5.20 22.88
N PRO B 327 -17.64 -5.77 21.68
CA PRO B 327 -18.12 -5.10 20.47
C PRO B 327 -19.59 -5.38 20.19
N MET B 328 -20.19 -4.48 19.42
CA MET B 328 -21.61 -4.58 19.09
C MET B 328 -21.88 -3.76 17.84
N TYR B 329 -23.07 -3.95 17.27
CA TYR B 329 -23.50 -3.10 16.17
C TYR B 329 -25.02 -2.97 16.21
N LYS B 330 -25.54 -1.91 15.58
CA LYS B 330 -26.97 -1.74 15.36
C LYS B 330 -27.21 -1.34 13.92
N ASP B 331 -28.21 -1.94 13.28
CA ASP B 331 -28.59 -1.62 11.91
C ASP B 331 -29.82 -0.72 11.89
N TYR B 332 -29.78 0.30 11.03
CA TYR B 332 -30.88 1.22 10.81
C TYR B 332 -31.18 1.30 9.31
N ALA B 333 -32.45 1.35 8.97
CA ALA B 333 -32.87 1.50 7.58
C ALA B 333 -33.45 2.89 7.36
N ILE B 334 -33.27 3.39 6.14
CA ILE B 334 -33.91 4.63 5.72
C ILE B 334 -34.21 4.54 4.23
N TYR B 335 -35.40 4.98 3.82
CA TYR B 335 -35.70 5.12 2.41
C TYR B 335 -35.38 6.54 1.96
N VAL B 336 -34.84 6.66 0.76
CA VAL B 336 -34.32 7.93 0.25
C VAL B 336 -35.09 8.28 -1.01
N ASP B 337 -35.98 9.26 -0.92
CA ASP B 337 -36.43 10.08 -2.05
C ASP B 337 -37.14 11.32 -1.47
N GLY B 342 -31.95 15.51 -2.45
CA GLY B 342 -31.97 14.43 -1.50
C GLY B 342 -31.01 13.31 -1.80
N GLU B 343 -30.01 13.54 -2.66
CA GLU B 343 -29.06 12.48 -3.00
C GLU B 343 -27.92 12.24 -2.02
N GLU B 344 -28.19 12.38 -0.72
CA GLU B 344 -27.19 12.16 0.29
C GLU B 344 -27.78 11.38 1.47
N ILE B 345 -26.89 10.81 2.29
CA ILE B 345 -27.24 10.24 3.59
C ILE B 345 -26.37 10.90 4.65
N THR B 346 -27.02 11.44 5.67
CA THR B 346 -26.36 12.19 6.72
C THR B 346 -26.49 11.40 8.01
N LEU B 347 -25.35 11.17 8.67
CA LEU B 347 -25.30 10.60 10.01
C LEU B 347 -24.88 11.70 10.98
N GLN B 348 -25.59 11.83 12.09
CA GLN B 348 -25.30 12.89 13.04
C GLN B 348 -25.34 12.36 14.46
N MET B 349 -24.47 12.92 15.31
CA MET B 349 -24.38 12.54 16.72
C MET B 349 -24.26 13.77 17.61
N THR B 350 -24.93 13.70 18.75
CA THR B 350 -24.87 14.71 19.80
C THR B 350 -25.13 14.02 21.12
N PRO B 351 -24.68 14.57 22.23
CA PRO B 351 -24.92 13.94 23.52
C PRO B 351 -26.34 14.15 24.03
N SER B 352 -26.74 13.26 24.93
CA SER B 352 -28.07 13.26 25.51
C SER B 352 -28.03 13.70 26.97
N THR B 353 -29.02 14.51 27.36
CA THR B 353 -29.20 14.92 28.75
C THR B 353 -30.02 13.91 29.54
N PHE B 354 -30.68 12.96 28.86
CA PHE B 354 -31.53 12.00 29.54
C PHE B 354 -30.74 11.17 30.55
N GLY B 355 -31.10 11.30 31.82
CA GLY B 355 -30.45 10.55 32.87
C GLY B 355 -29.21 11.19 33.46
N GLN B 356 -28.92 12.46 33.09
CA GLN B 356 -27.67 13.19 33.33
C GLN B 356 -26.44 12.27 33.37
N PRO B 357 -25.87 11.95 32.22
CA PRO B 357 -24.66 11.11 32.17
C PRO B 357 -23.44 11.83 32.71
N GLU B 358 -22.45 11.04 33.12
CA GLU B 358 -21.23 11.61 33.70
C GLU B 358 -20.47 12.47 32.69
N TYR B 359 -20.57 12.16 31.41
CA TYR B 359 -19.95 12.94 30.35
C TYR B 359 -21.02 13.33 29.32
N TYR B 360 -20.71 14.36 28.53
CA TYR B 360 -21.55 14.73 27.38
C TYR B 360 -20.70 14.60 26.12
N ASP B 361 -20.73 13.39 25.55
CA ASP B 361 -19.91 13.05 24.41
C ASP B 361 -20.70 12.08 23.54
N SER B 362 -20.15 11.75 22.38
CA SER B 362 -20.68 10.70 21.52
C SER B 362 -19.50 10.08 20.78
N SER B 363 -19.65 8.80 20.41
CA SER B 363 -18.54 8.01 19.89
C SER B 363 -19.03 6.99 18.87
N LEU B 364 -18.21 6.74 17.84
CA LEU B 364 -18.48 5.72 16.84
C LEU B 364 -17.20 5.02 16.42
N ASN B 365 -17.26 3.69 16.30
CA ASN B 365 -16.09 2.85 16.02
C ASN B 365 -15.96 2.42 14.55
N GLY B 366 -17.07 2.27 13.83
CA GLY B 366 -17.05 1.85 12.44
C GLY B 366 -18.42 2.00 11.82
N LEU B 367 -18.45 1.99 10.49
CA LEU B 367 -19.69 2.27 9.78
C LEU B 367 -19.72 1.61 8.40
N GLU B 368 -20.79 0.84 8.14
CA GLU B 368 -21.07 0.32 6.80
C GLU B 368 -22.42 0.85 6.31
N ILE B 369 -22.49 1.19 5.04
CA ILE B 369 -23.74 1.60 4.39
C ILE B 369 -24.01 0.61 3.26
N PHE B 370 -25.15 -0.10 3.34
CA PHE B 370 -25.52 -1.04 2.29
C PHE B 370 -26.75 -0.53 1.56
N LYS B 371 -26.82 -0.81 0.27
CA LYS B 371 -27.99 -0.47 -0.53
C LYS B 371 -28.80 -1.75 -0.70
N MET B 372 -30.11 -1.69 -0.54
CA MET B 372 -30.97 -2.84 -0.74
C MET B 372 -31.75 -2.71 -2.02
N ASP B 373 -32.01 -3.83 -2.65
CA ASP B 373 -32.72 -3.91 -3.89
C ASP B 373 -34.19 -3.58 -3.81
N THR B 374 -34.69 -2.91 -4.82
CA THR B 374 -36.06 -2.63 -4.92
C THR B 374 -36.40 -3.64 -5.94
N MET B 375 -37.10 -4.69 -5.56
CA MET B 375 -37.50 -5.72 -6.52
C MET B 375 -36.37 -6.24 -7.39
N LYS B 376 -35.31 -6.70 -6.73
CA LYS B 376 -34.13 -7.25 -7.37
C LYS B 376 -33.34 -6.37 -8.34
N ASN B 377 -33.23 -5.09 -8.04
CA ASN B 377 -32.42 -4.22 -8.83
C ASN B 377 -31.63 -3.36 -7.90
N LEU B 378 -30.33 -3.28 -8.11
CA LEU B 378 -29.45 -2.42 -7.33
C LEU B 378 -28.83 -1.36 -8.18
N ALA B 379 -29.31 -1.15 -9.37
CA ALA B 379 -28.71 -0.25 -10.28
C ALA B 379 -29.14 1.19 -10.23
N GLY B 380 -28.17 2.04 -10.00
CA GLY B 380 -28.37 3.45 -10.00
C GLY B 380 -27.82 4.08 -11.24
N PRO B 381 -27.84 5.39 -11.33
CA PRO B 381 -27.31 6.12 -12.47
C PRO B 381 -25.81 6.36 -12.41
N ASN B 382 -25.26 7.04 -13.40
CA ASN B 382 -23.86 7.36 -13.45
C ASN B 382 -23.64 8.74 -12.93
N PRO B 383 -22.55 8.97 -12.23
CA PRO B 383 -22.29 10.30 -11.72
C PRO B 383 -22.05 11.26 -12.87
#